data_7TO2
#
_entry.id   7TO2
#
_cell.length_a   1.00
_cell.length_b   1.00
_cell.length_c   1.00
_cell.angle_alpha   90.00
_cell.angle_beta   90.00
_cell.angle_gamma   90.00
#
_symmetry.space_group_name_H-M   'P 1'
#
loop_
_entity.id
_entity.type
_entity.pdbx_description
1 polymer 'Antiviral innate immune response receptor RIG-I'
2 polymer p3SLR30
3 non-polymer 'ZINC ION'
4 non-polymer 'MAGNESIUM ION'
5 non-polymer "ADENOSINE-5'-DIPHOSPHATE"
#
loop_
_entity_poly.entity_id
_entity_poly.type
_entity_poly.pdbx_seq_one_letter_code
_entity_poly.pdbx_strand_id
1 'polypeptide(L)'
;MTTEQRRSLQAFQDYIRKTLDPTYILSYMAPWFREEEVQYIQAEKNNKGPMEAATLFLKFLLELQEEGWFRGFLDALDHA
GYSGLYEAIESWDFKKIEKLEEYRLLLKRLQPEFKTRIIPTDIISDLSECLINQECEEILQICSTKGMMAGAEKLVECLL
RSDKENWPKTLKLALEKERNKFSELWIVEKGIKDVETEDLEDKMETSDIQIFYQEDPECQNLSENSCPPSEVSDTNLYSP
FKPRNYQLELALPAMKGKNTIICAPTGCGKTFVSLLICEHHLKKFPQGQKGKVVFFANQIPVYEQQKSVFSKYFERHGYR
VTGISGATAENVPVEQIVENNDIIILTPQILVNNLKKGTIPSLSIFTLMIFDECHNTSKQHPYNMIMFNYLDQKLGGSSG
PLPQVIGLTASVGVGDAKNTDEALDYICKLCASLDASVIATVKHNLEELEQVVYKPQKFFRKVESRISDKFKYIIAQLMR
DTESLAKRICKDLENLSQIQNREFGTQKYEQWIVTVQKACMVFQMPDKDEESRICKALFLYTSHLRKYNDALIISEHARM
KDALDYLKDFFSNVRAAGFDEIEQDLTQRFEEKLQELESVSRDPSNENPKLEDLCFILQEEYHLNPETITILFVKTRALV
DALKNWIEGNPKLSFLKPGILTGRGKTNQNTGMTLPAQKCILDAFKASGDHNILIATSVADEGIDIAQCNLVILYEYVGN
VIKMIQTRGRGRARGSKCFLLTSNAGVIEKEQINMYKEKMMNDSILRLQTWDEAVFREKILHIQTHEKFIRDSQEKPKPV
PDKENKKLLCRKCKALACYTADVRVIEECHYTVLGDAFKECFVSRPHPKPKQFSSFEKRAKIFCARQNCSHDWGIHVKYK
TFEIPVIKIESFVVEDIATGVQTLYSKWKDFHFEKIPFDPAEMSK
;
A
2 'polyribonucleotide' (GTP)GAUCGAUCGAUCGAUCGGCAUCGAUCGGCUUCGGCCGAUCGAUGCCGAUCGAUCGAUCGAUCC B
#
# COMPACT_ATOMS: atom_id res chain seq x y z
N PRO A 240 3.98 30.46 22.95
CA PRO A 240 3.84 29.38 21.95
C PRO A 240 2.50 29.45 21.20
N PHE A 241 1.74 28.36 21.15
CA PHE A 241 0.41 28.34 20.50
C PHE A 241 -0.69 28.51 21.54
N LYS A 242 -1.80 29.09 21.09
CA LYS A 242 -2.98 29.30 21.95
C LYS A 242 -4.05 28.30 21.56
N PRO A 243 -4.61 27.55 22.54
CA PRO A 243 -5.66 26.59 22.23
C PRO A 243 -6.95 27.28 21.78
N ARG A 244 -7.51 26.83 20.67
CA ARG A 244 -8.76 27.39 20.12
C ARG A 244 -9.95 26.86 20.93
N ASN A 245 -11.15 27.31 20.57
CA ASN A 245 -12.39 26.91 21.28
C ASN A 245 -12.69 25.44 21.00
N TYR A 246 -12.70 25.04 19.73
CA TYR A 246 -13.00 23.64 19.36
C TYR A 246 -11.88 22.71 19.82
N GLN A 247 -10.65 23.20 19.86
CA GLN A 247 -9.50 22.38 20.35
C GLN A 247 -9.68 22.09 21.84
N LEU A 248 -10.27 23.02 22.59
CA LEU A 248 -10.54 22.78 24.03
C LEU A 248 -11.83 21.98 24.21
N GLU A 249 -12.78 22.08 23.28
CA GLU A 249 -14.04 21.31 23.37
C GLU A 249 -13.75 19.82 23.09
N LEU A 250 -12.93 19.53 22.09
CA LEU A 250 -12.62 18.12 21.72
C LEU A 250 -11.88 17.44 22.87
N ALA A 251 -11.06 18.18 23.61
CA ALA A 251 -10.25 17.63 24.72
C ALA A 251 -11.01 17.69 26.05
N LEU A 252 -12.30 18.05 26.04
CA LEU A 252 -13.05 18.21 27.30
C LEU A 252 -13.40 16.83 27.87
N PRO A 253 -13.99 15.89 27.09
CA PRO A 253 -14.28 14.57 27.63
C PRO A 253 -13.02 13.74 27.93
N ALA A 254 -11.94 13.98 27.22
CA ALA A 254 -10.67 13.23 27.42
C ALA A 254 -10.03 13.67 28.73
N MET A 255 -10.17 14.94 29.10
CA MET A 255 -9.59 15.48 30.36
C MET A 255 -10.38 15.01 31.58
N LYS A 256 -11.52 14.36 31.41
CA LYS A 256 -12.35 13.89 32.55
C LYS A 256 -11.89 12.51 33.02
N GLY A 257 -11.25 11.73 32.14
CA GLY A 257 -10.72 10.39 32.48
C GLY A 257 -11.46 9.27 31.78
N LYS A 258 -12.12 9.55 30.64
CA LYS A 258 -12.86 8.54 29.88
C LYS A 258 -12.18 8.32 28.54
N ASN A 259 -12.24 7.10 28.04
CA ASN A 259 -11.66 6.74 26.72
C ASN A 259 -12.55 7.30 25.62
N THR A 260 -12.06 8.28 24.87
CA THR A 260 -12.85 8.94 23.81
C THR A 260 -12.18 8.74 22.46
N ILE A 261 -12.93 9.03 21.40
CA ILE A 261 -12.40 9.07 20.01
C ILE A 261 -12.59 10.48 19.50
N ILE A 262 -11.50 11.16 19.20
CA ILE A 262 -11.53 12.56 18.70
C ILE A 262 -11.69 12.50 17.19
N CYS A 263 -12.90 12.69 16.69
CA CYS A 263 -13.18 12.78 15.25
C CYS A 263 -13.23 14.25 14.85
N ALA A 264 -12.36 14.66 13.94
CA ALA A 264 -12.26 16.06 13.48
C ALA A 264 -11.68 16.07 12.08
N PRO A 265 -12.02 17.07 11.25
CA PRO A 265 -11.48 17.13 9.90
C PRO A 265 -9.96 17.32 9.90
N THR A 266 -9.32 16.87 8.83
CA THR A 266 -7.85 16.95 8.68
C THR A 266 -7.43 18.42 8.57
N GLY A 267 -6.50 18.83 9.41
CA GLY A 267 -5.91 20.18 9.39
C GLY A 267 -6.48 21.10 10.46
N CYS A 268 -7.23 20.57 11.43
CA CYS A 268 -7.83 21.39 12.51
C CYS A 268 -6.90 21.46 13.73
N GLY A 269 -5.79 20.71 13.73
CA GLY A 269 -4.85 20.75 14.87
C GLY A 269 -5.22 19.75 15.93
N LYS A 270 -5.31 18.48 15.58
CA LYS A 270 -5.57 17.40 16.58
C LYS A 270 -4.30 17.13 17.38
N THR A 271 -3.12 17.42 16.83
CA THR A 271 -1.85 17.23 17.55
C THR A 271 -1.81 18.13 18.79
N PHE A 272 -2.28 19.37 18.67
CA PHE A 272 -2.31 20.28 19.83
C PHE A 272 -3.33 19.77 20.86
N VAL A 273 -4.42 19.16 20.40
CA VAL A 273 -5.42 18.56 21.32
C VAL A 273 -4.76 17.42 22.09
N SER A 274 -4.01 16.57 21.40
CA SER A 274 -3.28 15.45 22.05
C SER A 274 -2.24 16.02 23.04
N LEU A 275 -1.57 17.10 22.68
CA LEU A 275 -0.56 17.73 23.58
C LEU A 275 -1.28 18.26 24.83
N LEU A 276 -2.43 18.90 24.68
CA LEU A 276 -3.19 19.42 25.85
C LEU A 276 -3.63 18.25 26.73
N ILE A 277 -4.09 17.16 26.12
CA ILE A 277 -4.53 15.97 26.90
C ILE A 277 -3.34 15.40 27.65
N CYS A 278 -2.18 15.30 27.00
CA CYS A 278 -0.96 14.79 27.66
C CYS A 278 -0.56 15.69 28.83
N GLU A 279 -0.64 17.00 28.64
CA GLU A 279 -0.26 17.97 29.69
C GLU A 279 -1.22 17.82 30.87
N HIS A 280 -2.51 17.67 30.60
CA HIS A 280 -3.52 17.54 31.68
C HIS A 280 -3.36 16.20 32.39
N HIS A 281 -2.93 15.16 31.67
CA HIS A 281 -2.80 13.81 32.26
C HIS A 281 -1.55 13.73 33.13
N LEU A 282 -0.44 14.31 32.67
CA LEU A 282 0.85 14.20 33.41
C LEU A 282 0.86 15.14 34.62
N LYS A 283 -0.07 16.09 34.70
CA LYS A 283 -0.10 17.08 35.81
C LYS A 283 -1.16 16.72 36.85
N LYS A 284 -1.89 15.61 36.67
CA LYS A 284 -2.97 15.24 37.61
C LYS A 284 -2.49 14.16 38.59
N PHE A 285 -1.29 13.63 38.42
CA PHE A 285 -0.77 12.58 39.34
C PHE A 285 -0.24 13.24 40.60
N PRO A 286 -0.52 12.68 41.80
CA PRO A 286 0.01 13.22 43.05
C PRO A 286 1.53 13.05 43.16
N GLN A 287 2.10 13.59 44.24
CA GLN A 287 3.56 13.48 44.51
C GLN A 287 3.90 12.05 44.90
N GLY A 288 4.94 11.51 44.28
CA GLY A 288 5.44 10.15 44.55
C GLY A 288 5.25 9.24 43.35
N GLN A 289 4.18 9.42 42.60
CA GLN A 289 3.89 8.61 41.39
C GLN A 289 4.08 9.48 40.15
N LYS A 290 4.10 8.84 38.98
CA LYS A 290 4.33 9.56 37.71
C LYS A 290 3.65 8.79 36.58
N GLY A 291 2.96 9.52 35.71
CA GLY A 291 2.28 8.94 34.55
C GLY A 291 3.26 8.47 33.50
N LYS A 292 2.74 7.82 32.48
CA LYS A 292 3.54 7.33 31.35
C LYS A 292 2.65 7.31 30.10
N VAL A 293 2.90 8.24 29.19
CA VAL A 293 2.08 8.38 27.96
C VAL A 293 2.83 7.72 26.81
N VAL A 294 2.08 7.06 25.95
CA VAL A 294 2.63 6.43 24.71
C VAL A 294 1.79 6.91 23.53
N PHE A 295 2.47 7.44 22.52
CA PHE A 295 1.82 7.93 21.28
C PHE A 295 2.12 6.94 20.17
N PHE A 296 1.11 6.20 19.75
CA PHE A 296 1.25 5.20 18.67
C PHE A 296 1.03 5.91 17.33
N ALA A 297 2.12 6.15 16.61
CA ALA A 297 2.06 6.69 15.23
C ALA A 297 1.87 5.55 14.23
N ASN A 298 1.98 5.84 12.94
CA ASN A 298 1.80 4.81 11.89
C ASN A 298 2.91 4.85 10.85
N GLN A 299 3.58 5.99 10.65
CA GLN A 299 4.63 6.13 9.63
C GLN A 299 5.87 6.75 10.26
N ILE A 300 7.02 6.51 9.63
CA ILE A 300 8.32 7.03 10.14
C ILE A 300 8.34 8.55 10.04
N PRO A 301 7.92 9.19 8.92
CA PRO A 301 7.82 10.65 8.90
C PRO A 301 6.85 11.21 9.95
N VAL A 302 5.70 10.56 10.11
CA VAL A 302 4.68 10.99 11.11
C VAL A 302 5.29 10.81 12.51
N TYR A 303 5.98 9.71 12.74
CA TYR A 303 6.61 9.43 14.06
C TYR A 303 7.66 10.50 14.34
N GLU A 304 8.48 10.85 13.36
CA GLU A 304 9.54 11.86 13.54
C GLU A 304 8.91 13.23 13.83
N GLN A 305 7.87 13.60 13.09
CA GLN A 305 7.20 14.90 13.30
C GLN A 305 6.59 14.93 14.72
N GLN A 306 5.95 13.84 15.13
CA GLN A 306 5.30 13.78 16.47
C GLN A 306 6.39 13.88 17.55
N LYS A 307 7.49 13.16 17.40
CA LYS A 307 8.60 13.21 18.38
C LYS A 307 9.13 14.66 18.44
N SER A 308 9.29 15.30 17.29
CA SER A 308 9.85 16.67 17.23
C SER A 308 8.92 17.64 17.96
N VAL A 309 7.63 17.59 17.67
CA VAL A 309 6.66 18.55 18.28
C VAL A 309 6.54 18.25 19.77
N PHE A 310 6.55 16.99 20.16
CA PHE A 310 6.44 16.62 21.59
C PHE A 310 7.69 17.09 22.34
N SER A 311 8.86 17.00 21.72
CA SER A 311 10.11 17.48 22.35
C SER A 311 10.08 19.02 22.45
N LYS A 312 9.59 19.69 21.41
CA LYS A 312 9.54 21.18 21.42
C LYS A 312 8.50 21.65 22.44
N TYR A 313 7.49 20.84 22.76
CA TYR A 313 6.40 21.28 23.66
C TYR A 313 6.65 20.84 25.11
N PHE A 314 7.34 19.73 25.34
CA PHE A 314 7.39 19.13 26.69
C PHE A 314 8.77 19.25 27.36
N GLU A 315 9.85 19.43 26.62
CA GLU A 315 11.20 19.52 27.24
C GLU A 315 11.31 20.79 28.09
N ARG A 316 10.36 21.71 28.03
CA ARG A 316 10.36 22.91 28.90
C ARG A 316 9.86 22.54 30.30
N HIS A 317 8.87 21.66 30.40
CA HIS A 317 8.29 21.27 31.70
C HIS A 317 9.29 20.42 32.48
N GLY A 318 10.10 19.63 31.78
CA GLY A 318 11.10 18.73 32.37
C GLY A 318 10.66 17.28 32.31
N TYR A 319 10.03 16.89 31.20
CA TYR A 319 9.65 15.48 30.94
C TYR A 319 10.64 14.86 29.97
N ARG A 320 10.88 13.57 30.13
CA ARG A 320 11.82 12.82 29.27
C ARG A 320 11.05 12.24 28.08
N VAL A 321 11.02 12.99 26.99
CA VAL A 321 10.34 12.51 25.76
C VAL A 321 11.33 11.68 24.96
N THR A 322 10.91 10.50 24.53
CA THR A 322 11.77 9.58 23.74
C THR A 322 10.96 9.01 22.60
N GLY A 323 11.63 8.29 21.70
CA GLY A 323 10.98 7.65 20.56
C GLY A 323 11.73 6.43 20.07
N ILE A 324 11.01 5.33 19.87
CA ILE A 324 11.59 4.06 19.35
C ILE A 324 10.88 3.71 18.06
N SER A 325 11.64 3.25 17.08
CA SER A 325 11.12 2.83 15.75
C SER A 325 12.10 1.87 15.10
N GLY A 326 11.90 1.58 13.82
CA GLY A 326 12.76 0.70 13.03
C GLY A 326 14.14 1.29 12.76
N ALA A 327 14.27 2.61 12.84
CA ALA A 327 15.54 3.31 12.49
C ALA A 327 16.55 3.15 13.62
N THR A 328 16.11 2.79 14.83
CA THR A 328 17.02 2.71 15.99
C THR A 328 17.88 1.46 15.89
N ALA A 329 19.01 1.47 16.58
CA ALA A 329 19.97 0.35 16.58
C ALA A 329 19.59 -0.66 17.68
N GLU A 330 20.17 -1.85 17.61
CA GLU A 330 19.95 -2.94 18.59
C GLU A 330 20.77 -2.60 19.84
N ASN A 331 20.26 -1.67 20.64
CA ASN A 331 20.90 -1.28 21.91
C ASN A 331 19.85 -0.62 22.80
N VAL A 332 20.23 -0.31 24.03
CA VAL A 332 19.35 0.34 25.07
C VAL A 332 17.97 -0.32 25.02
N PRO A 333 17.81 -1.52 25.59
CA PRO A 333 16.55 -2.25 25.49
C PRO A 333 15.34 -1.43 25.94
N VAL A 334 14.16 -1.86 25.53
CA VAL A 334 12.89 -1.07 25.70
C VAL A 334 12.60 -0.89 27.18
N GLU A 335 12.95 -1.87 28.01
CA GLU A 335 12.77 -1.76 29.48
C GLU A 335 13.67 -0.65 30.05
N GLN A 336 14.76 -0.30 29.38
CA GLN A 336 15.63 0.81 29.81
C GLN A 336 15.16 2.14 29.19
N ILE A 337 14.08 2.12 28.41
CA ILE A 337 13.54 3.36 27.77
C ILE A 337 12.14 3.64 28.31
N VAL A 338 11.27 2.63 28.35
CA VAL A 338 9.88 2.83 28.82
C VAL A 338 9.89 3.10 30.32
N GLU A 339 10.63 2.34 31.09
CA GLU A 339 10.70 2.49 32.57
C GLU A 339 11.61 3.65 32.95
N ASN A 340 12.18 4.38 31.99
CA ASN A 340 13.10 5.50 32.28
C ASN A 340 12.62 6.82 31.67
N ASN A 341 11.45 6.84 31.02
CA ASN A 341 10.94 8.06 30.36
C ASN A 341 9.46 8.23 30.70
N ASP A 342 8.85 9.30 30.19
CA ASP A 342 7.44 9.63 30.46
C ASP A 342 6.60 9.63 29.18
N ILE A 343 7.09 10.21 28.10
CA ILE A 343 6.33 10.31 26.82
C ILE A 343 7.10 9.56 25.76
N ILE A 344 6.59 8.40 25.37
CA ILE A 344 7.26 7.53 24.37
C ILE A 344 6.48 7.60 23.06
N ILE A 345 7.11 8.08 22.01
CA ILE A 345 6.51 8.11 20.65
C ILE A 345 6.88 6.80 19.98
N LEU A 346 5.95 5.86 19.95
CA LEU A 346 6.21 4.50 19.43
C LEU A 346 5.46 4.29 18.12
N THR A 347 5.82 3.17 17.50
CA THR A 347 5.14 2.51 16.35
C THR A 347 4.48 1.24 16.86
N PRO A 348 3.30 0.87 16.31
CA PRO A 348 2.54 -0.23 16.88
C PRO A 348 3.24 -1.59 16.74
N GLN A 349 3.99 -1.81 15.66
CA GLN A 349 4.65 -3.11 15.45
C GLN A 349 5.75 -3.35 16.48
N ILE A 350 6.45 -2.30 16.91
CA ILE A 350 7.50 -2.45 17.95
C ILE A 350 6.86 -2.96 19.25
N LEU A 351 5.78 -2.32 19.68
CA LEU A 351 5.09 -2.75 20.92
C LEU A 351 4.47 -4.14 20.72
N VAL A 352 3.97 -4.43 19.53
CA VAL A 352 3.38 -5.78 19.26
C VAL A 352 4.47 -6.84 19.40
N ASN A 353 5.65 -6.59 18.84
CA ASN A 353 6.77 -7.55 18.94
C ASN A 353 7.21 -7.68 20.39
N ASN A 354 7.27 -6.57 21.11
CA ASN A 354 7.69 -6.59 22.54
C ASN A 354 6.70 -7.38 23.38
N LEU A 355 5.41 -7.26 23.10
CA LEU A 355 4.37 -8.01 23.86
C LEU A 355 4.38 -9.47 23.43
N LYS A 356 4.76 -9.76 22.18
CA LYS A 356 4.75 -11.14 21.67
C LYS A 356 5.93 -11.91 22.29
N LYS A 357 7.14 -11.38 22.16
CA LYS A 357 8.36 -12.09 22.62
C LYS A 357 8.45 -12.08 24.15
N GLY A 358 7.59 -11.33 24.84
CA GLY A 358 7.52 -11.34 26.32
C GLY A 358 8.47 -10.36 26.96
N THR A 359 9.00 -9.39 26.22
CA THR A 359 9.86 -8.33 26.80
C THR A 359 9.02 -7.48 27.76
N ILE A 360 8.02 -6.79 27.22
CA ILE A 360 7.11 -5.95 28.05
C ILE A 360 6.13 -6.87 28.74
N PRO A 361 6.00 -6.79 30.08
CA PRO A 361 5.10 -7.71 30.79
C PRO A 361 3.62 -7.53 30.39
N SER A 362 3.11 -6.30 30.46
CA SER A 362 1.71 -6.01 30.08
C SER A 362 1.57 -4.52 29.77
N LEU A 363 0.38 -4.14 29.33
CA LEU A 363 0.06 -2.73 29.00
C LEU A 363 -0.26 -1.93 30.26
N SER A 364 -0.18 -2.53 31.45
CA SER A 364 -0.47 -1.82 32.72
C SER A 364 0.63 -0.80 33.06
N ILE A 365 1.80 -0.90 32.43
CA ILE A 365 2.92 0.02 32.71
C ILE A 365 2.56 1.43 32.23
N PHE A 366 1.92 1.53 31.08
CA PHE A 366 1.50 2.85 30.53
C PHE A 366 0.28 3.35 31.28
N THR A 367 -0.04 4.62 31.06
CA THR A 367 -1.23 5.26 31.67
C THR A 367 -2.07 6.01 30.64
N LEU A 368 -1.57 6.28 29.44
CA LEU A 368 -2.35 6.99 28.41
C LEU A 368 -1.81 6.60 27.05
N MET A 369 -2.57 5.81 26.30
CA MET A 369 -2.21 5.43 24.92
C MET A 369 -3.00 6.29 23.94
N ILE A 370 -2.30 6.97 23.05
CA ILE A 370 -2.92 7.85 22.03
C ILE A 370 -2.60 7.27 20.66
N PHE A 371 -3.59 6.70 20.00
CA PHE A 371 -3.44 6.14 18.64
C PHE A 371 -3.72 7.23 17.62
N ASP A 372 -2.67 7.67 16.92
CA ASP A 372 -2.84 8.65 15.83
C ASP A 372 -3.55 7.98 14.66
N GLU A 373 -4.63 8.59 14.18
CA GLU A 373 -5.45 8.05 13.07
C GLU A 373 -5.97 6.66 13.45
N CYS A 374 -6.79 6.60 14.48
CA CYS A 374 -7.29 5.33 15.04
C CYS A 374 -8.28 4.64 14.10
N HIS A 375 -8.60 5.21 12.95
CA HIS A 375 -9.48 4.55 11.95
C HIS A 375 -8.80 3.31 11.36
N ASN A 376 -7.48 3.17 11.49
CA ASN A 376 -6.75 2.01 10.94
C ASN A 376 -7.02 0.75 11.77
N THR A 377 -7.71 0.86 12.90
CA THR A 377 -8.10 -0.33 13.70
C THR A 377 -9.03 -1.20 12.86
N SER A 378 -8.57 -2.38 12.49
CA SER A 378 -9.25 -3.23 11.48
C SER A 378 -9.03 -4.69 11.86
N LYS A 379 -9.18 -5.60 10.90
CA LYS A 379 -9.20 -7.06 11.17
C LYS A 379 -7.94 -7.47 11.93
N GLN A 380 -6.76 -7.15 11.40
CA GLN A 380 -5.48 -7.64 12.00
C GLN A 380 -4.46 -6.52 12.04
N HIS A 381 -4.87 -5.26 12.09
CA HIS A 381 -3.93 -4.12 12.19
C HIS A 381 -3.14 -4.22 13.49
N PRO A 382 -1.87 -3.79 13.51
CA PRO A 382 -1.11 -3.75 14.76
C PRO A 382 -1.78 -2.95 15.88
N TYR A 383 -2.48 -1.88 15.52
CA TYR A 383 -3.37 -1.17 16.48
C TYR A 383 -4.36 -2.16 17.07
N ASN A 384 -4.97 -2.99 16.22
CA ASN A 384 -5.96 -3.98 16.68
C ASN A 384 -5.27 -5.05 17.51
N MET A 385 -4.00 -5.34 17.25
CA MET A 385 -3.27 -6.34 18.06
C MET A 385 -3.02 -5.78 19.47
N ILE A 386 -2.62 -4.52 19.56
CA ILE A 386 -2.41 -3.86 20.87
C ILE A 386 -3.76 -3.82 21.60
N MET A 387 -4.83 -3.52 20.89
CA MET A 387 -6.17 -3.45 21.53
C MET A 387 -6.62 -4.85 21.95
N PHE A 388 -6.27 -5.88 21.19
CA PHE A 388 -6.58 -7.29 21.58
C PHE A 388 -5.85 -7.63 22.88
N ASN A 389 -4.58 -7.27 22.98
CA ASN A 389 -3.81 -7.50 24.22
C ASN A 389 -4.46 -6.74 25.38
N TYR A 390 -4.86 -5.50 25.14
CA TYR A 390 -5.48 -4.66 26.19
C TYR A 390 -6.80 -5.29 26.65
N LEU A 391 -7.59 -5.81 25.71
CA LEU A 391 -8.91 -6.40 26.06
C LEU A 391 -8.72 -7.73 26.78
N ASP A 392 -7.75 -8.53 26.36
CA ASP A 392 -7.46 -9.81 27.05
C ASP A 392 -6.94 -9.53 28.45
N GLN A 393 -6.23 -8.43 28.65
CA GLN A 393 -5.80 -8.03 30.01
C GLN A 393 -7.00 -7.53 30.80
N LYS A 394 -7.95 -6.86 30.15
CA LYS A 394 -9.12 -6.29 30.84
C LYS A 394 -10.13 -7.40 31.13
N LEU A 395 -10.64 -8.05 30.09
CA LEU A 395 -11.68 -9.09 30.25
C LEU A 395 -11.03 -10.36 30.80
N GLY A 396 -11.62 -10.91 31.86
CA GLY A 396 -11.16 -12.18 32.48
C GLY A 396 -10.08 -11.93 33.52
N GLY A 397 -8.81 -12.07 33.13
CA GLY A 397 -7.66 -11.87 34.05
C GLY A 397 -7.46 -10.41 34.37
N SER A 398 -8.39 -9.81 35.13
CA SER A 398 -8.36 -8.35 35.44
C SER A 398 -7.08 -8.01 36.20
N SER A 399 -6.16 -7.31 35.54
CA SER A 399 -4.90 -6.83 36.15
C SER A 399 -5.15 -5.50 36.87
N GLY A 400 -4.09 -4.81 37.28
CA GLY A 400 -4.20 -3.53 37.98
C GLY A 400 -4.67 -2.41 37.05
N PRO A 401 -4.26 -1.16 37.33
CA PRO A 401 -4.75 -0.02 36.56
C PRO A 401 -4.36 -0.12 35.07
N LEU A 402 -5.34 0.15 34.21
CA LEU A 402 -5.21 0.08 32.73
C LEU A 402 -5.05 1.48 32.16
N PRO A 403 -4.34 1.63 31.04
CA PRO A 403 -4.17 2.94 30.42
C PRO A 403 -5.43 3.41 29.71
N GLN A 404 -5.57 4.73 29.59
CA GLN A 404 -6.71 5.36 28.89
C GLN A 404 -6.39 5.42 27.40
N VAL A 405 -7.30 4.90 26.59
CA VAL A 405 -7.12 4.85 25.11
C VAL A 405 -7.79 6.07 24.50
N ILE A 406 -7.08 6.78 23.64
CA ILE A 406 -7.61 7.97 22.93
C ILE A 406 -7.20 7.89 21.46
N GLY A 407 -8.17 8.00 20.57
CA GLY A 407 -7.96 7.98 19.12
C GLY A 407 -7.85 9.38 18.55
N LEU A 408 -7.09 9.53 17.46
CA LEU A 408 -6.95 10.83 16.76
C LEU A 408 -7.30 10.62 15.28
N THR A 409 -8.42 9.97 15.02
CA THR A 409 -8.88 9.72 13.64
C THR A 409 -9.49 11.00 13.05
N ALA A 410 -9.64 11.00 11.73
CA ALA A 410 -10.33 12.09 11.00
C ALA A 410 -11.63 11.60 10.38
N SER A 411 -11.87 10.28 10.34
CA SER A 411 -13.09 9.70 9.76
C SER A 411 -13.25 8.28 10.28
N VAL A 412 -14.39 7.97 10.86
CA VAL A 412 -14.63 6.63 11.47
C VAL A 412 -14.63 5.58 10.36
N GLY A 413 -15.08 5.94 9.16
CA GLY A 413 -15.02 5.04 8.00
C GLY A 413 -15.99 3.90 8.12
N VAL A 414 -17.28 4.20 8.00
CA VAL A 414 -18.37 3.19 8.06
C VAL A 414 -18.34 2.30 6.83
N GLY A 415 -17.41 2.55 5.90
CA GLY A 415 -17.18 1.73 4.71
C GLY A 415 -17.27 0.23 4.97
N ASP A 416 -17.77 -0.50 3.96
CA ASP A 416 -18.14 -1.94 3.99
C ASP A 416 -19.59 -2.10 4.45
N ALA A 417 -20.26 -1.02 4.87
CA ALA A 417 -21.67 -1.07 5.28
C ALA A 417 -22.58 -0.65 4.13
N LYS A 418 -23.87 -0.92 4.25
CA LYS A 418 -24.87 -0.61 3.21
C LYS A 418 -25.81 0.51 3.67
N ASN A 419 -26.45 0.35 4.82
CA ASN A 419 -27.46 1.31 5.32
C ASN A 419 -26.97 1.90 6.65
N THR A 420 -27.79 2.75 7.26
CA THR A 420 -27.43 3.45 8.50
C THR A 420 -27.30 2.46 9.66
N ASP A 421 -28.08 1.37 9.64
CA ASP A 421 -28.02 0.36 10.72
C ASP A 421 -26.65 -0.33 10.72
N GLU A 422 -26.19 -0.75 9.54
CA GLU A 422 -24.86 -1.42 9.44
C GLU A 422 -23.77 -0.42 9.78
N ALA A 423 -23.93 0.86 9.42
CA ALA A 423 -22.93 1.90 9.75
C ALA A 423 -22.86 2.07 11.27
N LEU A 424 -24.01 2.10 11.95
CA LEU A 424 -24.04 2.24 13.42
C LEU A 424 -23.41 0.99 14.05
N ASP A 425 -23.69 -0.18 13.49
CA ASP A 425 -23.10 -1.45 14.01
C ASP A 425 -21.58 -1.40 13.87
N TYR A 426 -21.07 -0.93 12.73
CA TYR A 426 -19.61 -0.85 12.49
C TYR A 426 -18.99 0.17 13.45
N ILE A 427 -19.66 1.30 13.66
CA ILE A 427 -19.13 2.35 14.57
C ILE A 427 -19.08 1.79 15.99
N CYS A 428 -20.11 1.07 16.41
CA CYS A 428 -20.14 0.45 17.76
C CYS A 428 -19.02 -0.59 17.87
N LYS A 429 -18.82 -1.39 16.82
CA LYS A 429 -17.75 -2.42 16.83
C LYS A 429 -16.38 -1.74 16.95
N LEU A 430 -16.17 -0.65 16.23
CA LEU A 430 -14.87 0.07 16.29
C LEU A 430 -14.69 0.67 17.68
N CYS A 431 -15.72 1.28 18.24
CA CYS A 431 -15.64 1.90 19.59
C CYS A 431 -15.39 0.82 20.64
N ALA A 432 -15.90 -0.38 20.44
CA ALA A 432 -15.67 -1.51 21.38
C ALA A 432 -14.25 -2.01 21.23
N SER A 433 -13.78 -2.18 20.00
CA SER A 433 -12.39 -2.64 19.72
C SER A 433 -11.37 -1.63 20.28
N LEU A 434 -11.72 -0.34 20.29
CA LEU A 434 -10.85 0.69 20.88
C LEU A 434 -11.23 0.97 22.35
N ASP A 435 -12.26 0.30 22.86
CA ASP A 435 -12.74 0.47 24.26
C ASP A 435 -13.06 1.94 24.52
N ALA A 436 -13.69 2.59 23.56
CA ALA A 436 -14.06 4.02 23.67
C ALA A 436 -15.56 4.14 23.92
N SER A 437 -15.93 5.11 24.76
CA SER A 437 -17.35 5.36 25.12
C SER A 437 -17.83 6.72 24.58
N VAL A 438 -16.93 7.58 24.12
CA VAL A 438 -17.32 8.92 23.62
C VAL A 438 -16.77 9.11 22.21
N ILE A 439 -17.59 9.68 21.33
CA ILE A 439 -17.17 10.03 19.95
C ILE A 439 -17.26 11.55 19.82
N ALA A 440 -16.91 12.26 20.89
CA ALA A 440 -17.05 13.72 21.02
C ALA A 440 -16.53 14.42 19.77
N THR A 441 -17.38 15.25 19.15
CA THR A 441 -17.03 16.06 17.97
C THR A 441 -17.36 17.51 18.24
N VAL A 442 -16.81 18.39 17.42
CA VAL A 442 -17.07 19.84 17.53
C VAL A 442 -18.51 20.10 17.08
N LYS A 443 -19.35 20.53 18.00
CA LYS A 443 -20.77 20.83 17.70
C LYS A 443 -21.15 22.24 18.15
N HIS A 444 -20.67 22.71 19.29
CA HIS A 444 -21.05 24.05 19.82
C HIS A 444 -20.38 25.13 18.97
N ASN A 445 -19.05 25.15 18.96
CA ASN A 445 -18.27 26.20 18.24
C ASN A 445 -17.91 25.64 16.86
N LEU A 446 -18.92 25.36 16.04
CA LEU A 446 -18.69 24.82 14.68
C LEU A 446 -18.34 25.96 13.72
N GLU A 447 -18.87 27.15 13.97
CA GLU A 447 -18.59 28.33 13.10
C GLU A 447 -17.11 28.72 13.18
N GLU A 448 -16.42 28.39 14.27
CA GLU A 448 -14.99 28.74 14.41
C GLU A 448 -14.13 27.71 13.66
N LEU A 449 -14.61 26.49 13.49
CA LEU A 449 -13.83 25.44 12.77
C LEU A 449 -13.78 25.78 11.29
N GLU A 450 -14.84 26.36 10.74
CA GLU A 450 -14.93 26.66 9.29
C GLU A 450 -13.90 27.72 8.91
N GLN A 451 -13.44 28.54 9.86
CA GLN A 451 -12.44 29.60 9.58
C GLN A 451 -11.02 29.04 9.59
N VAL A 452 -10.85 27.75 9.89
CA VAL A 452 -9.50 27.12 9.89
C VAL A 452 -9.42 26.09 8.76
N VAL A 453 -10.40 25.20 8.67
CA VAL A 453 -10.45 24.17 7.60
C VAL A 453 -11.68 24.43 6.75
N TYR A 454 -11.54 24.26 5.45
CA TYR A 454 -12.63 24.51 4.47
C TYR A 454 -12.82 23.24 3.66
N LYS A 455 -14.04 22.71 3.68
CA LYS A 455 -14.39 21.51 2.90
C LYS A 455 -14.50 21.91 1.43
N PRO A 456 -13.62 21.39 0.54
CA PRO A 456 -13.69 21.79 -0.86
C PRO A 456 -14.92 21.19 -1.56
N GLN A 457 -15.35 21.85 -2.61
CA GLN A 457 -16.51 21.42 -3.42
C GLN A 457 -16.04 20.35 -4.42
N LYS A 458 -16.78 19.26 -4.49
CA LYS A 458 -16.48 18.16 -5.44
C LYS A 458 -16.92 18.57 -6.85
N PHE A 459 -16.24 18.01 -7.84
CA PHE A 459 -16.57 18.27 -9.26
C PHE A 459 -16.30 17.00 -10.05
N PHE A 460 -17.35 16.28 -10.41
CA PHE A 460 -17.24 15.07 -11.26
C PHE A 460 -16.97 15.50 -12.69
N ARG A 461 -16.25 14.67 -13.43
CA ARG A 461 -15.94 14.92 -14.86
C ARG A 461 -15.90 13.58 -15.58
N LYS A 462 -17.03 13.19 -16.15
CA LYS A 462 -17.13 11.96 -16.98
C LYS A 462 -16.81 12.34 -18.42
N VAL A 463 -15.68 11.88 -18.91
CA VAL A 463 -15.22 12.17 -20.29
C VAL A 463 -15.48 10.94 -21.14
N GLU A 464 -15.83 11.17 -22.41
CA GLU A 464 -16.11 10.06 -23.36
C GLU A 464 -14.80 9.46 -23.83
N SER A 465 -14.77 8.15 -24.00
CA SER A 465 -13.57 7.43 -24.49
C SER A 465 -13.35 7.77 -25.97
N ARG A 466 -12.11 7.61 -26.41
CA ARG A 466 -11.75 7.86 -27.83
C ARG A 466 -12.44 6.83 -28.73
N ILE A 467 -12.70 7.22 -29.96
CA ILE A 467 -13.45 6.39 -30.94
C ILE A 467 -12.49 5.87 -32.02
N SER A 468 -11.58 6.71 -32.50
CA SER A 468 -10.60 6.32 -33.54
C SER A 468 -9.32 5.85 -32.87
N ASP A 469 -9.33 4.62 -32.36
CA ASP A 469 -8.18 4.03 -31.63
C ASP A 469 -7.51 3.01 -32.56
N LYS A 470 -6.58 3.47 -33.38
CA LYS A 470 -5.82 2.57 -34.29
C LYS A 470 -4.75 1.82 -33.49
N PHE A 471 -4.15 2.48 -32.50
CA PHE A 471 -3.15 1.82 -31.61
C PHE A 471 -3.77 0.59 -30.95
N LYS A 472 -4.98 0.76 -30.40
CA LYS A 472 -5.69 -0.34 -29.73
C LYS A 472 -5.93 -1.47 -30.73
N TYR A 473 -6.33 -1.13 -31.95
CA TYR A 473 -6.64 -2.15 -32.99
C TYR A 473 -5.37 -2.92 -33.35
N ILE A 474 -4.26 -2.23 -33.53
CA ILE A 474 -2.99 -2.89 -33.93
C ILE A 474 -2.51 -3.80 -32.78
N ILE A 475 -2.59 -3.31 -31.55
CA ILE A 475 -2.14 -4.13 -30.39
C ILE A 475 -3.08 -5.33 -30.23
N ALA A 476 -4.37 -5.16 -30.50
CA ALA A 476 -5.33 -6.28 -30.42
C ALA A 476 -5.01 -7.31 -31.50
N GLN A 477 -4.64 -6.86 -32.69
CA GLN A 477 -4.27 -7.80 -33.79
C GLN A 477 -3.01 -8.56 -33.39
N LEU A 478 -2.02 -7.88 -32.83
CA LEU A 478 -0.78 -8.55 -32.37
C LEU A 478 -1.11 -9.56 -31.28
N MET A 479 -1.98 -9.20 -30.34
CA MET A 479 -2.38 -10.12 -29.24
C MET A 479 -3.11 -11.33 -29.83
N ARG A 480 -3.96 -11.12 -30.83
CA ARG A 480 -4.69 -12.23 -31.47
C ARG A 480 -3.69 -13.16 -32.17
N ASP A 481 -2.70 -12.60 -32.86
CA ASP A 481 -1.66 -13.43 -33.54
C ASP A 481 -0.89 -14.25 -32.50
N THR A 482 -0.47 -13.61 -31.41
CA THR A 482 0.31 -14.30 -30.36
C THR A 482 -0.55 -15.41 -29.72
N GLU A 483 -1.82 -15.11 -29.45
CA GLU A 483 -2.72 -16.10 -28.82
C GLU A 483 -2.96 -17.27 -29.78
N SER A 484 -3.08 -16.99 -31.08
CA SER A 484 -3.24 -18.05 -32.10
C SER A 484 -1.99 -18.94 -32.13
N LEU A 485 -0.81 -18.34 -32.08
CA LEU A 485 0.45 -19.13 -32.06
C LEU A 485 0.49 -19.99 -30.79
N ALA A 486 0.14 -19.42 -29.64
CA ALA A 486 0.18 -20.15 -28.36
C ALA A 486 -0.86 -21.28 -28.39
N LYS A 487 -2.01 -21.06 -28.99
CA LYS A 487 -3.07 -22.10 -29.05
C LYS A 487 -2.64 -23.20 -30.02
N ARG A 488 -1.96 -22.84 -31.11
CA ARG A 488 -1.45 -23.86 -32.07
C ARG A 488 -0.36 -24.68 -31.39
N ILE A 489 0.45 -24.08 -30.52
CA ILE A 489 1.55 -24.83 -29.86
C ILE A 489 1.03 -25.56 -28.62
N CYS A 490 -0.15 -25.23 -28.10
CA CYS A 490 -0.67 -25.81 -26.84
C CYS A 490 -1.91 -26.67 -27.07
N LYS A 491 -2.88 -26.17 -27.86
CA LYS A 491 -4.14 -26.88 -28.22
C LYS A 491 -5.04 -27.04 -26.98
N ASP A 492 -4.65 -26.51 -25.81
CA ASP A 492 -5.47 -26.68 -24.59
C ASP A 492 -5.57 -25.38 -23.80
N LEU A 493 -5.43 -24.22 -24.44
CA LEU A 493 -5.51 -22.91 -23.73
C LEU A 493 -6.94 -22.62 -23.29
N GLU A 494 -7.95 -23.15 -23.98
CA GLU A 494 -9.37 -22.87 -23.70
C GLU A 494 -9.87 -23.64 -22.47
N ASN A 495 -9.03 -24.45 -21.83
CA ASN A 495 -9.47 -25.27 -20.67
C ASN A 495 -8.59 -25.02 -19.45
N LEU A 496 -7.58 -24.16 -19.52
CA LEU A 496 -6.69 -23.90 -18.36
C LEU A 496 -7.35 -22.91 -17.39
N SER A 497 -8.15 -21.97 -17.89
CA SER A 497 -8.84 -20.97 -17.06
C SER A 497 -10.34 -21.04 -17.30
N GLN A 498 -11.10 -20.52 -16.34
CA GLN A 498 -12.58 -20.54 -16.38
C GLN A 498 -13.13 -19.20 -16.91
N ILE A 499 -12.28 -18.30 -17.35
CA ILE A 499 -12.75 -16.99 -17.88
C ILE A 499 -13.43 -17.25 -19.23
N GLN A 500 -14.69 -16.87 -19.35
CA GLN A 500 -15.50 -17.13 -20.56
C GLN A 500 -15.29 -15.99 -21.57
N ASN A 501 -15.64 -14.77 -21.19
CA ASN A 501 -15.56 -13.60 -22.09
C ASN A 501 -14.36 -12.75 -21.68
N ARG A 502 -13.30 -12.79 -22.47
CA ARG A 502 -12.04 -12.06 -22.17
C ARG A 502 -11.81 -11.03 -23.28
N GLU A 503 -11.89 -9.76 -22.92
CA GLU A 503 -11.64 -8.66 -23.87
C GLU A 503 -10.23 -8.10 -23.64
N PHE A 504 -9.60 -7.67 -24.72
CA PHE A 504 -8.22 -7.12 -24.65
C PHE A 504 -8.25 -5.76 -23.97
N GLY A 505 -7.23 -5.51 -23.14
CA GLY A 505 -7.05 -4.22 -22.47
C GLY A 505 -7.90 -4.08 -21.22
N THR A 506 -8.04 -5.15 -20.44
CA THR A 506 -8.80 -5.11 -19.17
C THR A 506 -8.10 -5.96 -18.13
N GLN A 507 -8.49 -5.80 -16.88
CA GLN A 507 -7.94 -6.58 -15.75
C GLN A 507 -8.41 -8.03 -15.86
N LYS A 508 -9.55 -8.27 -16.49
CA LYS A 508 -10.08 -9.65 -16.64
C LYS A 508 -9.13 -10.46 -17.52
N TYR A 509 -8.67 -9.89 -18.63
CA TYR A 509 -7.70 -10.57 -19.53
C TYR A 509 -6.37 -10.74 -18.78
N GLU A 510 -6.01 -9.81 -17.93
CA GLU A 510 -4.76 -9.93 -17.13
C GLU A 510 -4.88 -11.13 -16.19
N GLN A 511 -6.00 -11.26 -15.49
CA GLN A 511 -6.23 -12.41 -14.58
C GLN A 511 -6.22 -13.70 -15.40
N TRP A 512 -6.85 -13.69 -16.57
CA TRP A 512 -6.92 -14.90 -17.43
C TRP A 512 -5.51 -15.32 -17.86
N ILE A 513 -4.71 -14.37 -18.32
CA ILE A 513 -3.36 -14.70 -18.83
C ILE A 513 -2.47 -15.10 -17.66
N VAL A 514 -2.67 -14.53 -16.48
CA VAL A 514 -1.88 -14.94 -15.29
C VAL A 514 -2.24 -16.38 -14.93
N THR A 515 -3.52 -16.72 -14.94
CA THR A 515 -3.96 -18.10 -14.64
C THR A 515 -3.39 -19.05 -15.68
N VAL A 516 -3.41 -18.67 -16.95
CA VAL A 516 -2.90 -19.55 -18.04
C VAL A 516 -1.39 -19.73 -17.86
N GLN A 517 -0.68 -18.67 -17.51
CA GLN A 517 0.79 -18.74 -17.31
C GLN A 517 1.09 -19.64 -16.11
N LYS A 518 0.32 -19.54 -15.04
CA LYS A 518 0.56 -20.36 -13.82
C LYS A 518 0.18 -21.83 -14.10
N ALA A 519 -0.79 -22.08 -14.98
CA ALA A 519 -1.22 -23.46 -15.31
C ALA A 519 -0.33 -24.08 -16.39
N CYS A 520 0.40 -23.26 -17.16
CA CYS A 520 1.29 -23.77 -18.23
C CYS A 520 2.60 -24.30 -17.65
N MET A 521 3.04 -23.78 -16.51
CA MET A 521 4.30 -24.23 -15.87
C MET A 521 4.12 -25.63 -15.28
N VAL A 522 2.89 -26.06 -15.04
CA VAL A 522 2.61 -27.40 -14.48
C VAL A 522 2.34 -28.33 -15.64
N PHE A 523 3.39 -28.98 -16.14
CA PHE A 523 3.30 -29.94 -17.26
C PHE A 523 4.01 -31.22 -16.88
N GLN A 524 3.44 -32.35 -17.30
CA GLN A 524 3.99 -33.69 -17.00
C GLN A 524 3.87 -34.55 -18.26
N MET A 525 5.00 -34.98 -18.80
CA MET A 525 5.04 -35.84 -20.00
C MET A 525 6.38 -36.57 -20.01
N PRO A 526 6.44 -37.80 -20.53
CA PRO A 526 7.69 -38.57 -20.53
C PRO A 526 8.70 -38.09 -21.58
N ASP A 527 8.97 -36.79 -21.60
CA ASP A 527 9.94 -36.17 -22.54
C ASP A 527 10.41 -34.86 -21.91
N LYS A 528 11.61 -34.87 -21.35
CA LYS A 528 12.14 -33.70 -20.60
C LYS A 528 12.42 -32.54 -21.55
N ASP A 529 13.10 -32.80 -22.66
CA ASP A 529 13.46 -31.72 -23.62
C ASP A 529 12.21 -31.16 -24.27
N GLU A 530 11.27 -32.01 -24.67
CA GLU A 530 10.02 -31.56 -25.32
C GLU A 530 9.21 -30.74 -24.33
N GLU A 531 9.10 -31.19 -23.09
CA GLU A 531 8.36 -30.45 -22.04
C GLU A 531 9.03 -29.10 -21.81
N SER A 532 10.36 -29.07 -21.74
CA SER A 532 11.13 -27.82 -21.51
C SER A 532 10.84 -26.84 -22.66
N ARG A 533 10.91 -27.32 -23.90
CA ARG A 533 10.70 -26.44 -25.07
C ARG A 533 9.26 -25.91 -25.06
N ILE A 534 8.29 -26.78 -24.84
CA ILE A 534 6.85 -26.37 -24.83
C ILE A 534 6.63 -25.34 -23.73
N CYS A 535 7.15 -25.59 -22.54
CA CYS A 535 6.94 -24.68 -21.38
C CYS A 535 7.64 -23.34 -21.64
N LYS A 536 8.83 -23.35 -22.24
CA LYS A 536 9.55 -22.08 -22.54
C LYS A 536 8.76 -21.28 -23.57
N ALA A 537 8.27 -21.94 -24.62
CA ALA A 537 7.48 -21.26 -25.68
C ALA A 537 6.21 -20.68 -25.06
N LEU A 538 5.53 -21.44 -24.21
CA LEU A 538 4.27 -20.96 -23.59
C LEU A 538 4.57 -19.80 -22.64
N PHE A 539 5.67 -19.87 -21.89
CA PHE A 539 6.06 -18.79 -20.97
C PHE A 539 6.33 -17.50 -21.77
N LEU A 540 7.06 -17.62 -22.87
CA LEU A 540 7.35 -16.43 -23.74
C LEU A 540 6.03 -15.88 -24.29
N TYR A 541 5.13 -16.74 -24.75
CA TYR A 541 3.85 -16.29 -25.34
C TYR A 541 3.02 -15.55 -24.29
N THR A 542 2.87 -16.12 -23.12
CA THR A 542 2.05 -15.49 -22.05
C THR A 542 2.73 -14.21 -21.57
N SER A 543 4.06 -14.18 -21.52
CA SER A 543 4.79 -12.96 -21.10
C SER A 543 4.52 -11.83 -22.10
N HIS A 544 4.61 -12.13 -23.40
CA HIS A 544 4.33 -11.12 -24.45
C HIS A 544 2.87 -10.69 -24.38
N LEU A 545 1.95 -11.61 -24.14
CA LEU A 545 0.51 -11.28 -24.05
C LEU A 545 0.27 -10.36 -22.85
N ARG A 546 0.87 -10.67 -21.70
CA ARG A 546 0.70 -9.84 -20.49
C ARG A 546 1.30 -8.46 -20.73
N LYS A 547 2.45 -8.38 -21.39
CA LYS A 547 3.06 -7.06 -21.68
C LYS A 547 2.18 -6.25 -22.62
N TYR A 548 1.62 -6.89 -23.65
CA TYR A 548 0.69 -6.20 -24.57
C TYR A 548 -0.55 -5.72 -23.82
N ASN A 549 -1.06 -6.54 -22.90
CA ASN A 549 -2.26 -6.16 -22.12
C ASN A 549 -1.92 -4.97 -21.20
N ASP A 550 -0.74 -4.99 -20.60
CA ASP A 550 -0.29 -3.86 -19.74
C ASP A 550 -0.15 -2.60 -20.60
N ALA A 551 0.37 -2.72 -21.81
CA ALA A 551 0.51 -1.57 -22.73
C ALA A 551 -0.88 -1.04 -23.09
N LEU A 552 -1.85 -1.92 -23.31
CA LEU A 552 -3.23 -1.49 -23.63
C LEU A 552 -3.85 -0.80 -22.42
N ILE A 553 -3.59 -1.28 -21.21
CA ILE A 553 -4.14 -0.66 -19.98
C ILE A 553 -3.52 0.73 -19.81
N ILE A 554 -2.21 0.86 -20.06
CA ILE A 554 -1.52 2.17 -19.92
C ILE A 554 -2.02 3.12 -21.01
N SER A 555 -2.34 2.60 -22.20
CA SER A 555 -2.75 3.43 -23.36
C SER A 555 -4.09 4.12 -23.08
N GLU A 556 -4.95 3.53 -22.26
CA GLU A 556 -6.30 4.10 -22.00
C GLU A 556 -6.23 5.10 -20.84
N HIS A 557 -5.13 5.16 -20.10
CA HIS A 557 -4.96 6.14 -19.00
C HIS A 557 -3.95 7.23 -19.33
N ALA A 558 -3.07 7.02 -20.30
CA ALA A 558 -2.05 8.02 -20.68
C ALA A 558 -1.96 8.12 -22.20
N ARG A 559 -0.93 8.80 -22.69
CA ARG A 559 -0.71 8.94 -24.14
C ARG A 559 -0.32 7.58 -24.73
N MET A 560 -0.54 7.44 -26.04
CA MET A 560 -0.12 6.22 -26.76
C MET A 560 1.41 6.16 -26.82
N LYS A 561 2.08 7.32 -26.78
CA LYS A 561 3.56 7.38 -26.77
C LYS A 561 4.10 6.66 -25.53
N ASP A 562 3.43 6.79 -24.39
CA ASP A 562 3.90 6.15 -23.13
C ASP A 562 3.80 4.63 -23.26
N ALA A 563 2.70 4.12 -23.80
CA ALA A 563 2.53 2.67 -24.00
C ALA A 563 3.55 2.17 -25.02
N LEU A 564 3.82 2.95 -26.07
CA LEU A 564 4.80 2.54 -27.10
C LEU A 564 6.20 2.51 -26.48
N ASP A 565 6.54 3.49 -25.64
CA ASP A 565 7.85 3.52 -24.96
C ASP A 565 7.95 2.33 -24.00
N TYR A 566 6.87 2.00 -23.31
CA TYR A 566 6.85 0.84 -22.39
C TYR A 566 7.11 -0.45 -23.18
N LEU A 567 6.43 -0.62 -24.30
CA LEU A 567 6.62 -1.82 -25.15
C LEU A 567 8.05 -1.87 -25.68
N LYS A 568 8.59 -0.74 -26.12
CA LYS A 568 9.97 -0.70 -26.67
C LYS A 568 10.96 -1.03 -25.56
N ASP A 569 10.75 -0.52 -24.35
CA ASP A 569 11.65 -0.79 -23.21
C ASP A 569 11.61 -2.28 -22.88
N PHE A 570 10.42 -2.86 -22.82
CA PHE A 570 10.26 -4.30 -22.53
C PHE A 570 10.99 -5.12 -23.61
N PHE A 571 10.79 -4.77 -24.87
CA PHE A 571 11.38 -5.54 -25.99
C PHE A 571 12.91 -5.40 -25.97
N SER A 572 13.42 -4.23 -25.63
CA SER A 572 14.89 -3.98 -25.58
C SER A 572 15.48 -4.75 -24.39
N ASN A 573 14.76 -4.82 -23.27
CA ASN A 573 15.27 -5.51 -22.06
C ASN A 573 15.20 -7.03 -22.27
N VAL A 574 14.23 -7.51 -23.03
CA VAL A 574 14.06 -8.98 -23.23
C VAL A 574 14.86 -9.47 -24.43
N ARG A 575 15.25 -8.58 -25.35
CA ARG A 575 16.01 -9.01 -26.56
C ARG A 575 17.47 -9.26 -26.17
N ALA A 576 18.09 -8.34 -25.43
CA ALA A 576 19.51 -8.44 -25.04
C ALA A 576 19.70 -9.57 -24.03
N ALA A 577 18.63 -10.05 -23.39
CA ALA A 577 18.72 -11.12 -22.35
C ALA A 577 19.07 -12.45 -23.03
N GLY A 578 18.20 -12.93 -23.92
CA GLY A 578 18.35 -14.25 -24.54
C GLY A 578 17.73 -14.29 -25.92
N PHE A 579 18.49 -14.73 -26.93
CA PHE A 579 17.98 -14.85 -28.32
C PHE A 579 17.40 -16.25 -28.50
N ASP A 580 16.22 -16.32 -29.12
CA ASP A 580 15.52 -17.60 -29.35
C ASP A 580 14.74 -17.51 -30.65
N GLU A 581 14.26 -18.65 -31.12
CA GLU A 581 13.45 -18.74 -32.36
C GLU A 581 12.10 -18.04 -32.13
N ILE A 582 11.41 -18.40 -31.06
CA ILE A 582 10.11 -17.78 -30.69
C ILE A 582 10.35 -16.31 -30.38
N GLU A 583 11.46 -16.00 -29.70
CA GLU A 583 11.81 -14.61 -29.35
C GLU A 583 12.00 -13.80 -30.63
N GLN A 584 12.77 -14.32 -31.58
CA GLN A 584 13.04 -13.61 -32.85
C GLN A 584 11.73 -13.45 -33.63
N ASP A 585 10.87 -14.47 -33.64
CA ASP A 585 9.59 -14.41 -34.37
C ASP A 585 8.73 -13.29 -33.78
N LEU A 586 8.60 -13.26 -32.46
CA LEU A 586 7.76 -12.22 -31.79
C LEU A 586 8.38 -10.84 -32.02
N THR A 587 9.70 -10.72 -31.96
CA THR A 587 10.37 -9.42 -32.16
C THR A 587 10.11 -8.93 -33.58
N GLN A 588 10.20 -9.81 -34.57
CA GLN A 588 9.96 -9.44 -35.99
C GLN A 588 8.49 -9.05 -36.16
N ARG A 589 7.57 -9.80 -35.55
CA ARG A 589 6.12 -9.51 -35.66
C ARG A 589 5.83 -8.14 -35.04
N PHE A 590 6.52 -7.79 -33.96
CA PHE A 590 6.31 -6.48 -33.30
C PHE A 590 6.91 -5.37 -34.15
N GLU A 591 8.14 -5.56 -34.63
CA GLU A 591 8.85 -4.52 -35.42
C GLU A 591 8.18 -4.33 -36.78
N GLU A 592 7.38 -5.29 -37.24
CA GLU A 592 6.63 -5.12 -38.51
C GLU A 592 5.61 -3.98 -38.38
N LYS A 593 4.98 -3.85 -37.22
CA LYS A 593 3.95 -2.80 -36.97
C LYS A 593 4.52 -1.66 -36.14
N LEU A 594 5.83 -1.63 -35.89
CA LEU A 594 6.43 -0.57 -35.03
C LEU A 594 6.33 0.79 -35.74
N GLN A 595 6.56 0.84 -37.05
CA GLN A 595 6.48 2.10 -37.82
C GLN A 595 5.05 2.64 -37.78
N GLU A 596 4.05 1.78 -37.96
CA GLU A 596 2.63 2.21 -37.94
C GLU A 596 2.28 2.71 -36.54
N LEU A 597 2.77 2.04 -35.50
CA LEU A 597 2.48 2.48 -34.10
C LEU A 597 3.14 3.84 -33.85
N GLU A 598 4.36 4.05 -34.34
CA GLU A 598 5.07 5.34 -34.16
C GLU A 598 4.32 6.43 -34.94
N SER A 599 3.77 6.12 -36.11
CA SER A 599 3.05 7.11 -36.93
C SER A 599 1.71 7.45 -36.27
N VAL A 600 1.06 6.47 -35.65
CA VAL A 600 -0.29 6.69 -35.05
C VAL A 600 -0.13 7.43 -33.72
N SER A 601 0.86 7.05 -32.91
CA SER A 601 1.04 7.65 -31.57
C SER A 601 1.40 9.13 -31.69
N ARG A 602 2.11 9.52 -32.74
CA ARG A 602 2.52 10.93 -32.94
C ARG A 602 1.45 11.65 -33.78
N ASP A 603 0.27 11.79 -33.22
CA ASP A 603 -0.87 12.44 -33.92
C ASP A 603 -1.57 13.35 -32.93
N PRO A 604 -1.69 14.67 -33.22
CA PRO A 604 -2.43 15.57 -32.33
C PRO A 604 -3.91 15.19 -32.16
N SER A 605 -4.53 14.62 -33.19
CA SER A 605 -5.94 14.18 -33.12
C SER A 605 -6.05 12.93 -32.25
N ASN A 606 -5.01 12.11 -32.20
CA ASN A 606 -5.00 10.85 -31.41
C ASN A 606 -4.53 11.15 -29.99
N GLU A 607 -5.16 12.11 -29.34
CA GLU A 607 -4.81 12.50 -27.95
C GLU A 607 -5.88 11.97 -27.01
N ASN A 608 -5.45 11.51 -25.84
CA ASN A 608 -6.36 11.00 -24.79
C ASN A 608 -7.31 12.12 -24.38
N PRO A 609 -8.64 11.94 -24.53
CA PRO A 609 -9.59 12.99 -24.13
C PRO A 609 -9.53 13.29 -22.63
N LYS A 610 -9.22 12.29 -21.80
CA LYS A 610 -9.05 12.52 -20.35
C LYS A 610 -7.90 13.48 -20.10
N LEU A 611 -6.78 13.29 -20.80
CA LEU A 611 -5.61 14.20 -20.65
C LEU A 611 -5.97 15.58 -21.19
N GLU A 612 -6.74 15.66 -22.26
CA GLU A 612 -7.15 16.97 -22.82
C GLU A 612 -8.01 17.72 -21.79
N ASP A 613 -8.96 17.01 -21.16
CA ASP A 613 -9.83 17.64 -20.15
C ASP A 613 -8.99 18.04 -18.93
N LEU A 614 -8.03 17.22 -18.52
CA LEU A 614 -7.14 17.56 -17.39
C LEU A 614 -6.35 18.82 -17.73
N CYS A 615 -5.81 18.91 -18.94
CA CYS A 615 -5.03 20.10 -19.37
C CYS A 615 -5.94 21.33 -19.38
N PHE A 616 -7.18 21.19 -19.84
CA PHE A 616 -8.14 22.31 -19.87
C PHE A 616 -8.44 22.79 -18.44
N ILE A 617 -8.67 21.84 -17.53
CA ILE A 617 -8.97 22.17 -16.11
C ILE A 617 -7.77 22.88 -15.50
N LEU A 618 -6.56 22.37 -15.74
CA LEU A 618 -5.33 22.99 -15.18
C LEU A 618 -5.17 24.40 -15.75
N GLN A 619 -5.41 24.58 -17.05
CA GLN A 619 -5.30 25.92 -17.69
C GLN A 619 -6.28 26.88 -17.03
N GLU A 620 -7.54 26.46 -16.88
CA GLU A 620 -8.59 27.34 -16.30
C GLU A 620 -8.20 27.70 -14.86
N GLU A 621 -7.75 26.73 -14.08
CA GLU A 621 -7.44 26.95 -12.65
C GLU A 621 -6.23 27.89 -12.51
N TYR A 622 -5.19 27.66 -13.29
CA TYR A 622 -3.95 28.48 -13.19
C TYR A 622 -4.13 29.82 -13.91
N HIS A 623 -5.17 30.00 -14.70
CA HIS A 623 -5.48 31.32 -15.30
C HIS A 623 -6.36 32.13 -14.34
N LEU A 624 -7.25 31.47 -13.60
CA LEU A 624 -8.07 32.18 -12.58
C LEU A 624 -7.17 32.63 -11.42
N ASN A 625 -6.29 31.75 -10.96
CA ASN A 625 -5.34 32.07 -9.88
C ASN A 625 -4.01 31.40 -10.21
N PRO A 626 -2.97 32.17 -10.59
CA PRO A 626 -1.68 31.58 -10.96
C PRO A 626 -0.79 31.19 -9.76
N GLU A 627 -1.35 31.21 -8.56
CA GLU A 627 -0.58 30.92 -7.32
C GLU A 627 -1.13 29.67 -6.65
N THR A 628 -1.79 28.78 -7.39
CA THR A 628 -2.36 27.55 -6.82
C THR A 628 -1.33 26.42 -6.86
N ILE A 629 -1.59 25.38 -6.10
CA ILE A 629 -0.73 24.16 -6.06
C ILE A 629 -1.64 22.95 -6.15
N THR A 630 -1.30 22.03 -7.04
CA THR A 630 -2.11 20.83 -7.31
C THR A 630 -1.54 19.63 -6.55
N ILE A 631 -2.43 18.77 -6.07
CA ILE A 631 -2.03 17.54 -5.32
C ILE A 631 -2.59 16.35 -6.10
N LEU A 632 -2.62 16.48 -7.43
CA LEU A 632 -3.21 15.49 -8.35
C LEU A 632 -2.82 14.06 -7.95
N PHE A 633 -3.82 13.23 -7.70
CA PHE A 633 -3.62 11.83 -7.25
C PHE A 633 -3.67 10.90 -8.45
N VAL A 634 -2.84 9.87 -8.41
CA VAL A 634 -2.73 8.86 -9.49
C VAL A 634 -2.71 7.48 -8.85
N LYS A 635 -3.18 6.48 -9.59
CA LYS A 635 -3.30 5.11 -9.06
C LYS A 635 -1.96 4.38 -9.20
N THR A 636 -1.30 4.49 -10.34
CA THR A 636 -0.10 3.67 -10.65
C THR A 636 1.15 4.55 -10.73
N ARG A 637 2.30 3.94 -10.50
CA ARG A 637 3.62 4.63 -10.61
C ARG A 637 3.93 4.90 -12.08
N ALA A 638 3.69 3.93 -12.96
CA ALA A 638 3.90 4.09 -14.41
C ALA A 638 3.05 5.27 -14.91
N LEU A 639 1.81 5.37 -14.43
CA LEU A 639 0.91 6.48 -14.83
C LEU A 639 1.46 7.79 -14.23
N VAL A 640 2.07 7.72 -13.06
CA VAL A 640 2.70 8.93 -12.46
C VAL A 640 3.81 9.44 -13.38
N ASP A 641 4.70 8.54 -13.81
CA ASP A 641 5.80 8.92 -14.72
C ASP A 641 5.24 9.42 -16.05
N ALA A 642 4.17 8.79 -16.54
CA ALA A 642 3.54 9.21 -17.81
C ALA A 642 2.99 10.64 -17.67
N LEU A 643 2.30 10.93 -16.57
CA LEU A 643 1.75 12.29 -16.36
C LEU A 643 2.89 13.29 -16.20
N LYS A 644 3.98 12.90 -15.54
CA LYS A 644 5.14 13.81 -15.39
C LYS A 644 5.72 14.13 -16.78
N ASN A 645 5.94 13.12 -17.61
CA ASN A 645 6.51 13.31 -18.95
C ASN A 645 5.55 14.12 -19.82
N TRP A 646 4.25 13.96 -19.62
CA TRP A 646 3.24 14.70 -20.42
C TRP A 646 3.23 16.17 -20.00
N ILE A 647 3.29 16.44 -18.71
CA ILE A 647 3.28 17.84 -18.20
C ILE A 647 4.57 18.54 -18.61
N GLU A 648 5.71 17.87 -18.47
CA GLU A 648 7.02 18.48 -18.82
C GLU A 648 7.12 18.69 -20.32
N GLY A 649 6.43 17.86 -21.12
CA GLY A 649 6.53 17.89 -22.59
C GLY A 649 5.27 18.48 -23.22
N ASN A 650 4.66 19.48 -22.60
CA ASN A 650 3.43 20.12 -23.12
C ASN A 650 3.69 21.61 -23.25
N PRO A 651 3.60 22.20 -24.46
CA PRO A 651 3.78 23.64 -24.60
C PRO A 651 2.69 24.46 -23.90
N LYS A 652 1.48 23.92 -23.78
CA LYS A 652 0.37 24.65 -23.12
C LYS A 652 0.62 24.74 -21.62
N LEU A 653 1.18 23.69 -21.01
CA LEU A 653 1.42 23.67 -19.54
C LEU A 653 2.85 24.11 -19.28
N SER A 654 3.15 25.36 -19.58
CA SER A 654 4.50 25.96 -19.38
C SER A 654 4.66 26.46 -17.94
N PHE A 655 3.57 26.69 -17.22
CA PHE A 655 3.61 27.29 -15.86
C PHE A 655 3.69 26.19 -14.79
N LEU A 656 3.66 24.91 -15.18
CA LEU A 656 3.65 23.80 -14.19
C LEU A 656 5.08 23.31 -13.95
N LYS A 657 5.36 22.98 -12.70
CA LYS A 657 6.64 22.35 -12.28
C LYS A 657 6.28 21.09 -11.51
N PRO A 658 6.12 19.95 -12.22
CA PRO A 658 5.65 18.73 -11.57
C PRO A 658 6.68 18.13 -10.60
N GLY A 659 6.17 17.38 -9.63
CA GLY A 659 6.96 16.68 -8.60
C GLY A 659 6.45 15.27 -8.42
N ILE A 660 7.35 14.32 -8.32
CA ILE A 660 6.98 12.89 -8.13
C ILE A 660 7.00 12.58 -6.64
N LEU A 661 5.99 11.84 -6.19
CA LEU A 661 5.93 11.36 -4.79
C LEU A 661 5.33 9.96 -4.80
N THR A 662 6.19 8.96 -4.78
CA THR A 662 5.81 7.53 -4.72
C THR A 662 6.09 7.00 -3.33
N GLY A 663 5.82 5.72 -3.13
CA GLY A 663 6.09 5.01 -1.87
C GLY A 663 7.42 4.28 -1.89
N ARG A 664 7.83 3.81 -0.73
CA ARG A 664 9.10 3.06 -0.59
C ARG A 664 8.91 1.63 -1.09
N GLY A 665 10.01 0.90 -1.19
CA GLY A 665 10.00 -0.51 -1.61
C GLY A 665 10.02 -0.66 -3.12
N LYS A 666 10.83 -1.58 -3.61
CA LYS A 666 11.01 -1.76 -5.06
C LYS A 666 9.79 -2.48 -5.64
N THR A 667 9.67 -2.43 -6.96
CA THR A 667 8.57 -3.10 -7.70
C THR A 667 9.17 -3.88 -8.87
N ASN A 668 8.31 -4.45 -9.70
CA ASN A 668 8.74 -5.23 -10.90
C ASN A 668 9.43 -4.29 -11.89
N GLN A 669 8.97 -3.05 -12.01
CA GLN A 669 9.51 -2.07 -13.00
C GLN A 669 10.16 -0.90 -12.27
N ASN A 670 9.42 -0.25 -11.35
CA ASN A 670 9.94 0.94 -10.64
C ASN A 670 10.79 0.49 -9.44
N THR A 671 11.62 1.39 -8.96
CA THR A 671 12.52 1.15 -7.81
C THR A 671 11.95 1.78 -6.52
N GLY A 672 11.06 2.76 -6.64
CA GLY A 672 10.48 3.43 -5.47
C GLY A 672 11.38 4.51 -4.92
N MET A 673 10.79 5.45 -4.19
CA MET A 673 11.51 6.58 -3.60
C MET A 673 11.77 6.30 -2.12
N THR A 674 12.91 6.75 -1.62
CA THR A 674 13.31 6.56 -0.22
C THR A 674 12.68 7.64 0.65
N LEU A 675 12.98 7.59 1.95
CA LEU A 675 12.41 8.53 2.95
C LEU A 675 12.98 9.92 2.75
N PRO A 676 14.32 10.14 2.70
CA PRO A 676 14.84 11.50 2.54
C PRO A 676 14.47 12.13 1.20
N ALA A 677 14.34 11.34 0.14
CA ALA A 677 13.88 11.84 -1.18
C ALA A 677 12.45 12.37 -1.06
N GLN A 678 11.56 11.59 -0.44
CA GLN A 678 10.16 12.02 -0.21
C GLN A 678 10.16 13.29 0.64
N LYS A 679 10.99 13.35 1.67
CA LYS A 679 11.02 14.51 2.59
C LYS A 679 11.48 15.76 1.82
N CYS A 680 12.54 15.65 1.03
CA CYS A 680 13.11 16.80 0.30
C CYS A 680 12.16 17.22 -0.82
N ILE A 681 11.37 16.31 -1.36
CA ILE A 681 10.41 16.69 -2.43
C ILE A 681 9.19 17.35 -1.80
N LEU A 682 8.71 16.85 -0.68
CA LEU A 682 7.53 17.45 0.01
C LEU A 682 7.91 18.80 0.64
N ASP A 683 9.16 18.99 1.03
CA ASP A 683 9.62 20.27 1.63
C ASP A 683 9.76 21.35 0.56
N ALA A 684 9.85 20.99 -0.71
CA ALA A 684 9.99 21.97 -1.82
C ALA A 684 8.64 22.23 -2.50
N PHE A 685 7.58 21.52 -2.12
CA PHE A 685 6.24 21.70 -2.74
C PHE A 685 5.41 22.58 -1.81
N LYS A 686 5.35 23.87 -2.12
CA LYS A 686 4.59 24.86 -1.31
C LYS A 686 4.39 26.13 -2.13
N ALA A 687 3.86 27.16 -1.50
CA ALA A 687 3.56 28.45 -2.15
C ALA A 687 4.87 29.20 -2.48
N SER A 688 5.99 28.80 -1.88
CA SER A 688 7.30 29.49 -2.10
C SER A 688 7.72 29.35 -3.56
N GLY A 689 7.85 28.12 -4.04
CA GLY A 689 8.16 27.83 -5.45
C GLY A 689 8.85 26.51 -5.62
N ASP A 690 9.51 26.34 -6.77
CA ASP A 690 10.28 25.12 -7.14
C ASP A 690 9.33 23.95 -7.40
N HIS A 691 8.02 24.13 -7.19
CA HIS A 691 7.01 23.07 -7.40
C HIS A 691 5.62 23.69 -7.49
N ASN A 692 4.83 23.28 -8.48
CA ASN A 692 3.45 23.78 -8.66
C ASN A 692 2.43 22.65 -8.62
N ILE A 693 2.84 21.41 -8.85
CA ILE A 693 1.90 20.26 -8.86
C ILE A 693 2.63 19.01 -8.36
N LEU A 694 2.06 18.35 -7.37
CA LEU A 694 2.65 17.13 -6.78
C LEU A 694 1.89 15.93 -7.32
N ILE A 695 2.54 15.14 -8.17
CA ILE A 695 1.92 13.93 -8.75
C ILE A 695 2.21 12.78 -7.79
N ALA A 696 1.35 12.64 -6.79
CA ALA A 696 1.47 11.58 -5.77
C ALA A 696 0.65 10.35 -6.18
N THR A 697 0.79 9.27 -5.42
CA THR A 697 0.07 8.02 -5.69
C THR A 697 -0.23 7.33 -4.36
N SER A 698 -1.40 7.63 -3.79
CA SER A 698 -1.95 6.94 -2.59
C SER A 698 -0.97 7.01 -1.40
N VAL A 699 0.00 7.90 -1.43
CA VAL A 699 0.99 8.03 -0.32
C VAL A 699 0.84 9.38 0.38
N ALA A 700 0.37 10.42 -0.33
CA ALA A 700 0.27 11.79 0.23
C ALA A 700 -1.12 12.01 0.84
N ASP A 701 -1.82 10.97 1.29
CA ASP A 701 -3.20 11.14 1.81
C ASP A 701 -3.42 10.28 3.05
N GLU A 702 -2.37 9.88 3.76
CA GLU A 702 -2.52 9.01 4.97
C GLU A 702 -2.09 9.77 6.22
N GLY A 703 -0.83 10.17 6.31
CA GLY A 703 -0.32 10.86 7.52
C GLY A 703 0.61 12.01 7.20
N ILE A 704 0.97 12.20 5.95
CA ILE A 704 2.02 13.19 5.58
C ILE A 704 1.40 14.59 5.65
N ASP A 705 2.14 15.53 6.22
CA ASP A 705 1.71 16.94 6.32
C ASP A 705 2.17 17.69 5.07
N ILE A 706 1.22 18.25 4.32
CA ILE A 706 1.51 19.02 3.09
C ILE A 706 0.90 20.42 3.23
N ALA A 707 1.43 21.36 2.46
CA ALA A 707 0.89 22.74 2.40
C ALA A 707 -0.56 22.71 1.90
N GLN A 708 -1.33 23.72 2.27
CA GLN A 708 -2.74 23.85 1.87
C GLN A 708 -2.80 24.00 0.34
N CYS A 709 -3.33 22.99 -0.34
CA CYS A 709 -3.45 22.98 -1.82
C CYS A 709 -4.73 23.70 -2.26
N ASN A 710 -4.84 23.94 -3.56
CA ASN A 710 -6.03 24.59 -4.16
C ASN A 710 -6.57 23.75 -5.31
N LEU A 711 -6.08 22.53 -5.52
CA LEU A 711 -6.56 21.67 -6.62
C LEU A 711 -6.31 20.21 -6.23
N VAL A 712 -7.37 19.43 -6.16
CA VAL A 712 -7.30 18.04 -5.64
C VAL A 712 -7.77 17.09 -6.73
N ILE A 713 -7.43 17.39 -7.98
CA ILE A 713 -7.85 16.59 -9.16
C ILE A 713 -7.51 15.12 -8.91
N LEU A 714 -8.49 14.24 -9.05
CA LEU A 714 -8.31 12.79 -8.84
C LEU A 714 -8.35 12.10 -10.21
N TYR A 715 -7.19 11.72 -10.72
CA TYR A 715 -7.06 11.05 -12.03
C TYR A 715 -7.46 9.58 -11.86
N GLU A 716 -8.78 9.35 -11.81
CA GLU A 716 -9.38 8.00 -11.65
C GLU A 716 -8.83 7.33 -10.40
N TYR A 717 -8.89 8.04 -9.28
CA TYR A 717 -8.39 7.54 -7.98
C TYR A 717 -9.52 7.62 -6.97
N VAL A 718 -10.20 6.49 -6.75
CA VAL A 718 -11.31 6.39 -5.77
C VAL A 718 -11.08 5.18 -4.88
N GLY A 719 -11.84 5.10 -3.80
CA GLY A 719 -11.78 3.97 -2.85
C GLY A 719 -12.93 4.02 -1.87
N ASN A 720 -12.65 3.72 -0.61
CA ASN A 720 -13.66 3.75 0.46
C ASN A 720 -13.93 5.20 0.86
N VAL A 721 -14.81 5.38 1.84
CA VAL A 721 -15.16 6.72 2.38
C VAL A 721 -13.93 7.31 3.08
N ILE A 722 -13.10 6.47 3.68
CA ILE A 722 -11.90 6.97 4.42
C ILE A 722 -10.95 7.63 3.42
N LYS A 723 -10.69 6.96 2.30
CA LYS A 723 -9.78 7.51 1.27
C LYS A 723 -10.39 8.79 0.69
N MET A 724 -11.69 8.82 0.46
CA MET A 724 -12.36 10.01 -0.11
C MET A 724 -12.19 11.19 0.86
N ILE A 725 -12.44 10.99 2.15
CA ILE A 725 -12.33 12.09 3.14
C ILE A 725 -10.86 12.49 3.27
N GLN A 726 -9.93 11.55 3.15
CA GLN A 726 -8.49 11.84 3.35
C GLN A 726 -7.97 12.68 2.17
N THR A 727 -8.28 12.29 0.94
CA THR A 727 -7.80 13.03 -0.24
C THR A 727 -8.54 14.37 -0.33
N ARG A 728 -9.83 14.38 -0.03
CA ARG A 728 -10.62 15.64 -0.08
C ARG A 728 -10.11 16.61 0.98
N GLY A 729 -9.60 16.10 2.09
CA GLY A 729 -9.08 16.94 3.19
C GLY A 729 -7.72 17.55 2.88
N ARG A 730 -7.06 17.16 1.79
CA ARG A 730 -5.73 17.72 1.44
C ARG A 730 -5.86 19.19 1.04
N GLY A 731 -6.81 19.49 0.16
CA GLY A 731 -7.09 20.87 -0.27
C GLY A 731 -8.04 21.56 0.69
N ARG A 732 -7.53 22.35 1.63
CA ARG A 732 -8.39 23.02 2.64
C ARG A 732 -8.22 24.54 2.55
N ALA A 733 -7.59 25.06 1.51
CA ALA A 733 -7.43 26.52 1.34
C ALA A 733 -8.77 27.16 1.01
N ARG A 734 -8.85 28.48 1.17
CA ARG A 734 -10.08 29.25 0.85
C ARG A 734 -10.36 29.18 -0.65
N GLY A 735 -11.55 28.71 -1.00
CA GLY A 735 -12.00 28.60 -2.39
C GLY A 735 -11.21 27.54 -3.15
N SER A 736 -11.20 26.32 -2.65
CA SER A 736 -10.51 25.17 -3.28
C SER A 736 -11.54 24.18 -3.81
N LYS A 737 -11.20 23.53 -4.92
CA LYS A 737 -12.08 22.50 -5.55
C LYS A 737 -11.43 21.13 -5.45
N CYS A 738 -12.21 20.10 -5.73
CA CYS A 738 -11.76 18.70 -5.76
C CYS A 738 -12.32 18.05 -7.02
N PHE A 739 -11.52 17.99 -8.07
CA PHE A 739 -11.97 17.41 -9.36
C PHE A 739 -11.77 15.90 -9.34
N LEU A 740 -12.67 15.21 -10.02
CA LEU A 740 -12.59 13.75 -10.23
C LEU A 740 -12.82 13.47 -11.71
N LEU A 741 -11.73 13.26 -12.44
CA LEU A 741 -11.80 12.94 -13.89
C LEU A 741 -11.87 11.43 -14.05
N THR A 742 -12.76 10.97 -14.92
CA THR A 742 -12.86 9.53 -15.23
C THR A 742 -13.50 9.34 -16.59
N SER A 743 -13.18 8.22 -17.23
CA SER A 743 -13.72 7.84 -18.55
C SER A 743 -14.38 6.46 -18.45
N ASN A 744 -14.87 6.08 -17.27
CA ASN A 744 -15.52 4.75 -17.06
C ASN A 744 -16.79 4.98 -16.26
N ALA A 745 -17.93 4.65 -16.86
CA ALA A 745 -19.25 4.76 -16.20
C ALA A 745 -19.27 3.81 -15.01
N GLY A 746 -19.32 4.36 -13.79
CA GLY A 746 -19.30 3.55 -12.56
C GLY A 746 -18.43 4.17 -11.50
N VAL A 747 -17.42 4.93 -11.90
CA VAL A 747 -16.52 5.62 -10.93
C VAL A 747 -17.29 6.78 -10.30
N ILE A 748 -18.08 7.50 -11.08
CA ILE A 748 -18.91 8.61 -10.56
C ILE A 748 -19.98 8.03 -9.62
N GLU A 749 -20.53 6.88 -9.97
CA GLU A 749 -21.53 6.20 -9.11
C GLU A 749 -20.85 5.81 -7.79
N LYS A 750 -19.62 5.31 -7.84
CA LYS A 750 -18.89 4.91 -6.61
C LYS A 750 -18.59 6.14 -5.76
N GLU A 751 -18.25 7.26 -6.39
CA GLU A 751 -17.95 8.50 -5.63
C GLU A 751 -19.24 9.01 -4.97
N GLN A 752 -20.36 8.93 -5.68
CA GLN A 752 -21.66 9.36 -5.10
C GLN A 752 -22.02 8.42 -3.94
N ILE A 753 -21.74 7.13 -4.09
CA ILE A 753 -21.99 6.15 -2.99
C ILE A 753 -21.10 6.51 -1.80
N ASN A 754 -19.86 6.91 -2.05
CA ASN A 754 -18.92 7.30 -0.96
C ASN A 754 -19.43 8.56 -0.26
N MET A 755 -19.95 9.52 -1.02
CA MET A 755 -20.49 10.77 -0.43
C MET A 755 -21.72 10.44 0.42
N TYR A 756 -22.59 9.57 -0.07
CA TYR A 756 -23.79 9.13 0.70
C TYR A 756 -23.34 8.39 1.96
N LYS A 757 -22.27 7.60 1.86
CA LYS A 757 -21.74 6.84 3.02
C LYS A 757 -21.17 7.82 4.04
N GLU A 758 -20.54 8.90 3.59
CA GLU A 758 -20.00 9.92 4.53
C GLU A 758 -21.16 10.61 5.23
N LYS A 759 -22.21 10.97 4.50
CA LYS A 759 -23.40 11.61 5.10
C LYS A 759 -24.01 10.64 6.13
N MET A 760 -24.10 9.36 5.77
CA MET A 760 -24.68 8.33 6.68
C MET A 760 -23.79 8.19 7.92
N MET A 761 -22.47 8.27 7.75
CA MET A 761 -21.53 8.17 8.89
C MET A 761 -21.73 9.36 9.83
N ASN A 762 -21.88 10.56 9.27
CA ASN A 762 -22.13 11.77 10.09
C ASN A 762 -23.45 11.62 10.84
N ASP A 763 -24.49 11.14 10.16
CA ASP A 763 -25.82 10.96 10.80
C ASP A 763 -25.71 9.91 11.91
N SER A 764 -24.97 8.83 11.69
CA SER A 764 -24.81 7.74 12.68
C SER A 764 -24.03 8.27 13.89
N ILE A 765 -23.01 9.09 13.67
CA ILE A 765 -22.24 9.68 14.78
C ILE A 765 -23.16 10.60 15.59
N LEU A 766 -23.96 11.41 14.90
CA LEU A 766 -24.90 12.33 15.60
C LEU A 766 -25.91 11.50 16.40
N ARG A 767 -26.37 10.38 15.86
CA ARG A 767 -27.36 9.52 16.56
C ARG A 767 -26.70 8.86 17.77
N LEU A 768 -25.46 8.41 17.64
CA LEU A 768 -24.77 7.71 18.75
C LEU A 768 -24.42 8.70 19.86
N GLN A 769 -24.13 9.96 19.51
CA GLN A 769 -23.74 10.96 20.54
C GLN A 769 -24.95 11.34 21.42
N THR A 770 -26.12 10.75 21.21
CA THR A 770 -27.31 11.03 22.05
C THR A 770 -27.57 9.90 23.04
N TRP A 771 -26.89 8.76 22.90
CA TRP A 771 -27.07 7.64 23.85
C TRP A 771 -26.45 7.99 25.20
N ASP A 772 -26.95 7.32 26.24
CA ASP A 772 -26.39 7.44 27.61
C ASP A 772 -25.04 6.71 27.68
N GLU A 773 -24.29 6.98 28.73
CA GLU A 773 -22.96 6.35 28.94
C GLU A 773 -23.12 4.87 29.32
N ALA A 774 -24.08 4.55 30.19
CA ALA A 774 -24.26 3.19 30.72
C ALA A 774 -24.65 2.23 29.59
N VAL A 775 -25.63 2.61 28.78
CA VAL A 775 -26.15 1.72 27.71
C VAL A 775 -25.04 1.48 26.67
N PHE A 776 -24.32 2.53 26.29
CA PHE A 776 -23.25 2.40 25.28
C PHE A 776 -22.10 1.58 25.85
N ARG A 777 -21.81 1.75 27.13
CA ARG A 777 -20.74 0.96 27.79
C ARG A 777 -21.14 -0.52 27.80
N GLU A 778 -22.38 -0.82 28.13
CA GLU A 778 -22.86 -2.23 28.13
C GLU A 778 -22.81 -2.79 26.70
N LYS A 779 -23.18 -1.99 25.71
CA LYS A 779 -23.18 -2.44 24.30
C LYS A 779 -21.75 -2.78 23.87
N ILE A 780 -20.81 -1.87 24.14
CA ILE A 780 -19.40 -2.09 23.71
C ILE A 780 -18.81 -3.24 24.52
N LEU A 781 -19.24 -3.44 25.76
CA LEU A 781 -18.75 -4.58 26.57
C LEU A 781 -19.24 -5.89 25.96
N HIS A 782 -20.51 -5.95 25.56
CA HIS A 782 -21.07 -7.16 24.89
C HIS A 782 -20.32 -7.41 23.58
N ILE A 783 -20.06 -6.36 22.81
CA ILE A 783 -19.34 -6.52 21.52
C ILE A 783 -17.92 -7.03 21.80
N GLN A 784 -17.27 -6.50 22.83
CA GLN A 784 -15.89 -6.93 23.17
C GLN A 784 -15.91 -8.40 23.60
N THR A 785 -16.90 -8.80 24.39
CA THR A 785 -17.01 -10.21 24.86
C THR A 785 -17.20 -11.13 23.65
N HIS A 786 -18.08 -10.75 22.73
CA HIS A 786 -18.35 -11.57 21.52
C HIS A 786 -17.08 -11.67 20.68
N GLU A 787 -16.38 -10.55 20.47
CA GLU A 787 -15.16 -10.52 19.64
C GLU A 787 -14.08 -11.38 20.30
N LYS A 788 -13.97 -11.34 21.62
CA LYS A 788 -12.95 -12.12 22.35
C LYS A 788 -13.30 -13.61 22.25
N PHE A 789 -14.59 -13.95 22.35
CA PHE A 789 -15.03 -15.37 22.26
C PHE A 789 -14.76 -15.89 20.85
N ILE A 790 -14.96 -15.07 19.83
CA ILE A 790 -14.73 -15.50 18.42
C ILE A 790 -13.23 -15.59 18.17
N ARG A 791 -12.45 -14.67 18.73
CA ARG A 791 -11.00 -14.57 18.41
C ARG A 791 -10.25 -15.74 19.07
N ASP A 792 -10.55 -16.06 20.32
CA ASP A 792 -9.78 -17.07 21.09
C ASP A 792 -10.34 -18.48 20.88
N SER A 793 -11.00 -18.74 19.75
CA SER A 793 -11.59 -20.08 19.46
C SER A 793 -11.01 -20.71 18.20
N GLN A 794 -10.39 -19.94 17.30
CA GLN A 794 -9.92 -20.47 16.00
C GLN A 794 -8.48 -20.02 15.72
N GLU A 795 -7.71 -19.70 16.77
CA GLU A 795 -6.32 -19.22 16.60
C GLU A 795 -5.35 -20.41 16.64
N LYS A 796 -5.60 -21.44 15.84
CA LYS A 796 -4.71 -22.64 15.77
C LYS A 796 -4.55 -23.04 14.31
N PRO A 797 -3.86 -22.22 13.48
CA PRO A 797 -3.55 -22.58 12.11
C PRO A 797 -2.20 -23.31 11.99
N LYS A 798 -2.02 -24.36 12.78
CA LYS A 798 -0.74 -25.07 12.86
C LYS A 798 -0.61 -26.03 11.69
N PRO A 799 0.39 -25.83 10.79
CA PRO A 799 0.62 -26.77 9.70
C PRO A 799 1.53 -27.94 10.11
N VAL A 800 1.85 -28.78 9.15
CA VAL A 800 2.76 -29.94 9.35
C VAL A 800 3.92 -29.76 8.39
N PRO A 801 5.17 -29.90 8.87
CA PRO A 801 6.32 -29.81 7.97
C PRO A 801 6.50 -31.06 7.11
N ASP A 802 7.05 -30.87 5.93
CA ASP A 802 7.30 -31.98 4.98
C ASP A 802 8.66 -32.62 5.26
N LYS A 803 8.79 -33.89 4.90
CA LYS A 803 10.00 -34.69 5.20
C LYS A 803 10.71 -35.13 3.92
N GLU A 804 9.97 -35.62 2.92
CA GLU A 804 10.59 -36.18 1.69
C GLU A 804 11.27 -35.07 0.88
N ASN A 805 12.16 -35.47 -0.01
CA ASN A 805 12.95 -34.55 -0.83
C ASN A 805 12.12 -34.05 -2.01
N LYS A 806 12.32 -32.79 -2.39
CA LYS A 806 11.65 -32.19 -3.56
C LYS A 806 12.70 -31.42 -4.37
N LYS A 807 12.56 -31.46 -5.69
CA LYS A 807 13.48 -30.75 -6.60
C LYS A 807 12.87 -29.42 -7.02
N LEU A 808 13.72 -28.44 -7.25
CA LEU A 808 13.28 -27.09 -7.68
C LEU A 808 13.71 -26.89 -9.13
N LEU A 809 12.78 -27.09 -10.05
CA LEU A 809 13.07 -26.86 -11.49
C LEU A 809 12.86 -25.39 -11.79
N CYS A 810 13.44 -24.95 -12.91
CA CYS A 810 13.30 -23.54 -13.36
C CYS A 810 11.85 -23.25 -13.71
N ARG A 811 11.51 -21.98 -13.76
CA ARG A 811 10.12 -21.54 -14.07
C ARG A 811 9.95 -21.35 -15.58
N LYS A 812 10.97 -20.86 -16.28
CA LYS A 812 10.87 -20.61 -17.74
C LYS A 812 11.28 -21.86 -18.53
N CYS A 813 12.49 -22.37 -18.31
CA CYS A 813 13.03 -23.51 -19.08
C CYS A 813 12.77 -24.83 -18.36
N LYS A 814 12.45 -24.80 -17.07
CA LYS A 814 12.17 -26.01 -16.26
C LYS A 814 13.37 -26.97 -16.29
N ALA A 815 14.55 -26.45 -15.96
CA ALA A 815 15.78 -27.26 -15.84
C ALA A 815 16.03 -27.56 -14.37
N LEU A 816 16.67 -28.70 -14.11
CA LEU A 816 16.99 -29.12 -12.73
C LEU A 816 18.02 -28.16 -12.13
N ALA A 817 17.60 -27.36 -11.16
CA ALA A 817 18.49 -26.38 -10.48
C ALA A 817 19.12 -27.03 -9.25
N CYS A 818 18.29 -27.47 -8.31
CA CYS A 818 18.78 -28.08 -7.04
C CYS A 818 17.65 -28.88 -6.41
N TYR A 819 17.93 -29.45 -5.23
CA TYR A 819 16.95 -30.23 -4.44
C TYR A 819 16.66 -29.49 -3.14
N THR A 820 15.72 -30.05 -2.38
CA THR A 820 15.33 -29.50 -1.06
C THR A 820 16.45 -29.75 -0.04
N ALA A 821 17.13 -30.90 -0.11
CA ALA A 821 18.21 -31.27 0.84
C ALA A 821 19.39 -30.31 0.71
N ASP A 822 19.51 -29.56 -0.38
CA ASP A 822 20.64 -28.64 -0.61
C ASP A 822 20.23 -27.19 -0.32
N VAL A 823 19.00 -26.95 0.12
CA VAL A 823 18.53 -25.58 0.43
C VAL A 823 18.81 -25.32 1.90
N ARG A 824 19.72 -24.39 2.17
CA ARG A 824 20.07 -24.00 3.56
C ARG A 824 19.39 -22.67 3.91
N VAL A 825 19.08 -22.51 5.18
CA VAL A 825 18.41 -21.30 5.70
C VAL A 825 19.36 -20.66 6.71
N ILE A 826 19.65 -19.38 6.52
CA ILE A 826 20.67 -18.68 7.35
C ILE A 826 20.01 -18.23 8.66
N GLU A 827 19.06 -17.30 8.59
CA GLU A 827 18.41 -16.71 9.78
C GLU A 827 16.90 -16.63 9.54
N GLU A 828 16.34 -17.71 8.99
CA GLU A 828 14.89 -17.82 8.64
C GLU A 828 14.48 -16.80 7.57
N CYS A 829 15.40 -16.04 7.00
CA CYS A 829 15.03 -15.02 5.99
C CYS A 829 16.06 -14.96 4.86
N HIS A 830 16.98 -15.91 4.77
CA HIS A 830 18.06 -15.89 3.74
C HIS A 830 18.18 -17.28 3.12
N TYR A 831 17.06 -17.80 2.64
CA TYR A 831 17.02 -19.14 1.98
C TYR A 831 18.02 -19.17 0.83
N THR A 832 19.05 -20.00 0.96
CA THR A 832 20.12 -20.13 -0.06
C THR A 832 20.26 -21.59 -0.46
N VAL A 833 21.27 -21.87 -1.28
CA VAL A 833 21.56 -23.24 -1.75
C VAL A 833 23.03 -23.54 -1.48
N LEU A 834 23.30 -24.69 -0.88
CA LEU A 834 24.68 -25.14 -0.59
C LEU A 834 24.96 -26.38 -1.43
N GLY A 835 25.96 -26.31 -2.29
CA GLY A 835 26.35 -27.43 -3.16
C GLY A 835 27.18 -26.99 -4.35
N ASP A 836 28.17 -27.78 -4.72
CA ASP A 836 29.05 -27.48 -5.87
C ASP A 836 28.28 -27.71 -7.18
N ALA A 837 27.30 -28.61 -7.20
CA ALA A 837 26.50 -28.90 -8.41
C ALA A 837 25.69 -27.67 -8.81
N PHE A 838 25.13 -26.96 -7.84
CA PHE A 838 24.31 -25.76 -8.10
C PHE A 838 25.20 -24.60 -8.56
N LYS A 839 26.47 -24.59 -8.18
CA LYS A 839 27.38 -23.48 -8.55
C LYS A 839 27.57 -23.45 -10.07
N GLU A 840 27.56 -24.60 -10.72
CA GLU A 840 27.70 -24.68 -12.20
C GLU A 840 26.33 -24.70 -12.89
N CYS A 841 25.29 -24.19 -12.23
CA CYS A 841 23.91 -24.22 -12.79
C CYS A 841 23.35 -22.79 -12.92
N PHE A 842 24.15 -21.76 -12.67
CA PHE A 842 23.70 -20.36 -12.81
C PHE A 842 24.84 -19.51 -13.36
N VAL A 843 24.49 -18.33 -13.84
CA VAL A 843 25.46 -17.35 -14.40
C VAL A 843 25.21 -16.02 -13.72
N SER A 844 26.30 -15.40 -13.24
CA SER A 844 26.26 -14.09 -12.54
C SER A 844 26.43 -12.98 -13.58
N ARG A 845 25.47 -12.07 -13.65
CA ARG A 845 25.55 -10.91 -14.57
C ARG A 845 25.37 -9.61 -13.78
N LYS A 858 23.68 -2.11 -7.18
CA LYS A 858 23.21 -3.44 -6.71
C LYS A 858 24.36 -4.46 -6.78
N ARG A 859 24.04 -5.73 -6.57
CA ARG A 859 25.04 -6.83 -6.63
C ARG A 859 24.75 -7.72 -7.84
N ALA A 860 25.57 -8.75 -8.03
CA ALA A 860 25.49 -9.70 -9.14
C ALA A 860 24.20 -10.53 -9.02
N LYS A 861 23.16 -10.14 -9.73
CA LYS A 861 21.93 -10.97 -9.84
C LYS A 861 22.24 -12.18 -10.71
N ILE A 862 21.74 -13.34 -10.31
CA ILE A 862 22.05 -14.61 -11.02
C ILE A 862 20.91 -14.93 -11.99
N PHE A 863 21.25 -15.67 -13.03
CA PHE A 863 20.28 -16.13 -14.05
C PHE A 863 20.57 -17.58 -14.37
N CYS A 864 19.63 -18.23 -15.05
CA CYS A 864 19.76 -19.64 -15.47
C CYS A 864 20.94 -19.79 -16.43
N ALA A 865 21.67 -20.89 -16.29
CA ALA A 865 22.90 -21.15 -17.06
C ALA A 865 22.59 -21.92 -18.35
N ARG A 866 21.31 -22.05 -18.74
CA ARG A 866 20.94 -22.75 -19.99
C ARG A 866 21.37 -21.90 -21.20
N GLN A 867 21.17 -22.44 -22.40
CA GLN A 867 21.54 -21.77 -23.66
C GLN A 867 20.86 -20.39 -23.74
N ASN A 868 19.53 -20.37 -23.83
CA ASN A 868 18.76 -19.11 -23.91
C ASN A 868 17.60 -19.20 -22.92
N CYS A 869 17.85 -18.88 -21.66
CA CYS A 869 16.80 -18.82 -20.61
C CYS A 869 16.75 -17.41 -20.02
N SER A 870 17.87 -16.91 -19.49
CA SER A 870 17.97 -15.54 -18.91
C SER A 870 16.90 -15.34 -17.82
N HIS A 871 16.53 -16.39 -17.10
CA HIS A 871 15.52 -16.30 -16.03
C HIS A 871 16.23 -16.02 -14.71
N ASP A 872 15.90 -14.91 -14.07
CA ASP A 872 16.53 -14.51 -12.79
C ASP A 872 16.07 -15.46 -11.67
N TRP A 873 17.03 -16.12 -11.02
CA TRP A 873 16.74 -17.03 -9.90
C TRP A 873 16.88 -16.30 -8.56
N GLY A 874 17.93 -15.50 -8.40
CA GLY A 874 18.17 -14.79 -7.13
C GLY A 874 19.31 -13.81 -7.21
N ILE A 875 19.92 -13.51 -6.07
CA ILE A 875 20.99 -12.49 -6.01
C ILE A 875 22.08 -12.95 -5.04
N HIS A 876 23.29 -12.48 -5.28
CA HIS A 876 24.45 -12.72 -4.38
C HIS A 876 24.35 -11.76 -3.20
N VAL A 877 24.38 -12.28 -1.99
CA VAL A 877 24.36 -11.45 -0.75
C VAL A 877 25.71 -11.61 -0.07
N LYS A 878 26.29 -10.51 0.38
CA LYS A 878 27.60 -10.54 1.07
C LYS A 878 27.34 -10.78 2.56
N TYR A 879 27.60 -12.00 3.02
CA TYR A 879 27.41 -12.37 4.43
C TYR A 879 28.63 -11.91 5.23
N LYS A 880 28.71 -12.31 6.50
CA LYS A 880 29.85 -11.99 7.40
C LYS A 880 31.19 -12.42 6.77
N THR A 881 31.26 -13.58 6.15
CA THR A 881 32.53 -14.09 5.58
C THR A 881 32.34 -14.49 4.12
N PHE A 882 31.21 -15.09 3.78
CA PHE A 882 31.00 -15.71 2.44
C PHE A 882 30.16 -14.77 1.57
N GLU A 883 30.06 -15.13 0.30
CA GLU A 883 29.23 -14.41 -0.70
C GLU A 883 28.31 -15.44 -1.38
N ILE A 884 27.66 -16.26 -0.57
CA ILE A 884 26.73 -17.31 -1.07
C ILE A 884 25.48 -16.62 -1.59
N PRO A 885 24.95 -17.04 -2.75
CA PRO A 885 23.75 -16.42 -3.31
C PRO A 885 22.45 -17.02 -2.79
N VAL A 886 21.47 -16.15 -2.60
CA VAL A 886 20.10 -16.56 -2.20
C VAL A 886 19.24 -16.60 -3.46
N ILE A 887 18.20 -17.42 -3.42
CA ILE A 887 17.29 -17.64 -4.58
C ILE A 887 15.90 -17.16 -4.21
N LYS A 888 15.07 -16.99 -5.22
CA LYS A 888 13.67 -16.56 -5.06
C LYS A 888 12.76 -17.72 -5.44
N ILE A 889 11.81 -18.05 -4.57
CA ILE A 889 10.84 -19.15 -4.84
C ILE A 889 9.87 -18.72 -5.94
N GLU A 890 9.79 -17.43 -6.27
CA GLU A 890 8.88 -16.94 -7.32
C GLU A 890 9.39 -17.33 -8.71
N SER A 891 10.58 -17.94 -8.83
CA SER A 891 11.17 -18.32 -10.14
C SER A 891 11.46 -19.82 -10.19
N PHE A 892 10.90 -20.61 -9.28
CA PHE A 892 11.13 -22.07 -9.26
C PHE A 892 9.79 -22.79 -9.14
N VAL A 893 9.77 -24.03 -9.59
CA VAL A 893 8.61 -24.93 -9.48
C VAL A 893 9.06 -26.15 -8.69
N VAL A 894 8.24 -26.57 -7.74
CA VAL A 894 8.59 -27.68 -6.83
C VAL A 894 8.00 -28.97 -7.40
N GLU A 895 8.83 -30.01 -7.50
CA GLU A 895 8.38 -31.32 -8.01
C GLU A 895 8.80 -32.40 -7.01
N ASP A 896 7.86 -33.25 -6.66
CA ASP A 896 8.12 -34.39 -5.75
C ASP A 896 8.97 -35.43 -6.46
N ILE A 897 9.66 -36.25 -5.69
CA ILE A 897 10.51 -37.34 -6.26
C ILE A 897 9.63 -38.57 -6.50
N ALA A 898 8.81 -38.95 -5.53
CA ALA A 898 7.90 -40.12 -5.65
C ALA A 898 6.75 -39.78 -6.59
N THR A 899 5.95 -38.79 -6.22
CA THR A 899 4.79 -38.34 -7.02
C THR A 899 5.30 -37.39 -8.11
N GLY A 900 4.41 -37.00 -9.04
CA GLY A 900 4.76 -36.08 -10.14
C GLY A 900 4.08 -34.73 -10.03
N VAL A 901 3.65 -34.31 -8.85
CA VAL A 901 2.94 -33.01 -8.71
C VAL A 901 3.95 -31.88 -8.91
N GLN A 902 3.47 -30.76 -9.42
CA GLN A 902 4.32 -29.57 -9.70
C GLN A 902 3.62 -28.32 -9.19
N THR A 903 3.18 -28.34 -7.93
CA THR A 903 2.49 -27.19 -7.32
C THR A 903 3.44 -25.99 -7.26
N LEU A 904 2.87 -24.80 -7.30
CA LEU A 904 3.65 -23.53 -7.26
C LEU A 904 3.48 -22.86 -5.90
N TYR A 905 4.40 -21.97 -5.57
CA TYR A 905 4.37 -21.20 -4.30
C TYR A 905 4.79 -19.76 -4.59
N SER A 906 4.13 -18.82 -3.94
CA SER A 906 4.37 -17.37 -4.13
C SER A 906 5.45 -16.87 -3.18
N LYS A 907 5.54 -17.45 -1.98
CA LYS A 907 6.54 -17.03 -0.98
C LYS A 907 7.10 -18.26 -0.28
N TRP A 908 8.25 -18.10 0.36
CA TRP A 908 8.94 -19.21 1.04
C TRP A 908 8.12 -19.72 2.22
N LYS A 909 7.25 -18.89 2.79
CA LYS A 909 6.43 -19.32 3.95
C LYS A 909 5.38 -20.34 3.51
N ASP A 910 4.91 -20.28 2.27
CA ASP A 910 3.94 -21.27 1.74
C ASP A 910 4.65 -22.61 1.51
N PHE A 911 5.91 -22.57 1.10
CA PHE A 911 6.70 -23.80 0.87
C PHE A 911 7.00 -24.46 2.21
N HIS A 912 6.30 -25.53 2.53
CA HIS A 912 6.48 -26.28 3.80
C HIS A 912 7.46 -27.43 3.56
N PHE A 913 8.63 -27.35 4.16
CA PHE A 913 9.66 -28.40 4.03
C PHE A 913 10.60 -28.34 5.24
N GLU A 914 11.54 -29.28 5.28
CA GLU A 914 12.56 -29.34 6.34
C GLU A 914 13.59 -28.23 6.09
N LYS A 915 13.39 -27.08 6.72
CA LYS A 915 14.31 -25.93 6.57
C LYS A 915 15.53 -26.18 7.43
N ILE A 916 16.58 -26.72 6.85
CA ILE A 916 17.84 -26.99 7.59
C ILE A 916 18.56 -25.67 7.82
N PRO A 917 18.94 -25.35 9.07
CA PRO A 917 19.69 -24.13 9.33
C PRO A 917 21.08 -24.15 8.70
N PHE A 918 21.53 -22.99 8.23
CA PHE A 918 22.86 -22.85 7.60
C PHE A 918 23.94 -23.00 8.67
N ASP A 919 25.07 -23.55 8.25
CA ASP A 919 26.23 -23.78 9.15
C ASP A 919 27.50 -23.67 8.32
N PRO A 920 28.49 -22.87 8.76
CA PRO A 920 29.74 -22.73 8.01
C PRO A 920 30.58 -24.02 7.98
N ALA A 921 30.49 -24.83 9.03
CA ALA A 921 31.22 -26.11 9.14
C ALA A 921 30.43 -27.21 8.44
#